data_1F88
#
_entry.id   1F88
#
_cell.length_a   97.246
_cell.length_b   97.246
_cell.length_c   149.544
_cell.angle_alpha   90
_cell.angle_beta   90
_cell.angle_gamma   90
#
_symmetry.space_group_name_H-M   'P 41'
#
loop_
_entity.id
_entity.type
_entity.pdbx_description
1 polymer RHODOPSIN
2 branched 2-acetamido-2-deoxy-beta-D-glucopyranose-(1-4)-2-acetamido-2-deoxy-beta-D-glucopyranose
3 branched alpha-D-mannopyranose-(1-4)-2-acetamido-2-deoxy-beta-D-glucopyranose-(1-4)-2-acetamido-2-deoxy-beta-D-glucopyranose
4 non-polymer 'MERCURY (II) ION'
5 non-polymer 'ZINC ION'
6 non-polymer RETINAL
7 water water
#
_entity_poly.entity_id   1
_entity_poly.type   'polypeptide(L)'
_entity_poly.pdbx_seq_one_letter_code
;MNGTEGPNFYVPFSNKTGVVRSPFEAPQYYLAEPWQFSMLAAYMFLLIMLGFPINFLTLYVTVQHKKLRTPLNYILLNLA
VADLFMVFGGFTTTLYTSLHGYFVFGPTGCNLEGFFATLGGEIALWSLVVLAIERYVVVCKPMSNFRFGENHAIMGVAFT
WVMALACAAPPLVGWSRYIPEGMQCSCGIDYYTPHEETNNESFVIYMFVVHFIIPLIVIFFCYGQLVFTVKEAAAQQQES
ATTQKAEKEVTRMVIIMVIAFLICWLPYAGVAFYIFTHQGSDFGPIFMTIPAFFAKTSAVYNPVIYIMMNKQFRNCMVTT
LCCGKNPLGDDEASTTVSKTETSQVAPA
;
_entity_poly.pdbx_strand_id   A,B
#
# COMPACT_ATOMS: atom_id res chain seq x y z
N MET A 1 -14.23 -34.13 19.10
CA MET A 1 -14.30 -33.15 18.00
C MET A 1 -13.26 -32.04 18.16
N ASN A 2 -12.57 -31.75 17.05
CA ASN A 2 -11.52 -30.71 17.01
C ASN A 2 -12.12 -29.35 16.70
N GLY A 3 -13.42 -29.36 16.41
CA GLY A 3 -14.11 -28.12 16.09
C GLY A 3 -15.58 -28.13 16.47
N THR A 4 -16.04 -26.97 16.91
CA THR A 4 -17.41 -26.79 17.30
C THR A 4 -18.20 -26.48 16.03
N GLU A 5 -19.07 -27.39 15.60
CA GLU A 5 -19.92 -27.19 14.43
C GLU A 5 -21.29 -26.69 14.85
N GLY A 6 -21.69 -25.53 14.33
CA GLY A 6 -22.99 -24.98 14.65
C GLY A 6 -23.88 -25.12 13.44
N PRO A 7 -25.16 -24.72 13.53
CA PRO A 7 -26.07 -24.84 12.38
C PRO A 7 -25.77 -23.78 11.30
N ASN A 8 -24.88 -22.85 11.65
CA ASN A 8 -24.47 -21.73 10.82
C ASN A 8 -22.96 -21.62 10.60
N PHE A 9 -22.19 -22.26 11.48
CA PHE A 9 -20.76 -22.15 11.45
C PHE A 9 -19.93 -23.39 11.76
N TYR A 10 -18.64 -23.14 11.89
CA TYR A 10 -17.65 -24.13 12.24
C TYR A 10 -16.49 -23.32 12.78
N VAL A 11 -16.37 -23.28 14.10
CA VAL A 11 -15.27 -22.58 14.75
C VAL A 11 -14.18 -23.64 14.79
N PRO A 12 -12.97 -23.31 14.29
CA PRO A 12 -11.83 -24.23 14.26
C PRO A 12 -11.24 -24.49 15.66
N PHE A 13 -12.09 -24.38 16.68
CA PHE A 13 -11.73 -24.54 18.09
C PHE A 13 -12.52 -25.66 18.77
N SER A 14 -11.95 -26.24 19.82
CA SER A 14 -12.62 -27.32 20.53
C SER A 14 -13.48 -26.79 21.69
N ASN A 15 -14.70 -27.29 21.77
CA ASN A 15 -15.60 -26.85 22.83
C ASN A 15 -15.63 -27.77 24.03
N LYS A 16 -14.58 -28.59 24.16
CA LYS A 16 -14.47 -29.51 25.27
C LYS A 16 -14.17 -28.68 26.52
N THR A 17 -14.36 -27.37 26.36
CA THR A 17 -14.15 -26.38 27.41
C THR A 17 -15.39 -25.49 27.52
N GLY A 18 -16.32 -25.66 26.58
CA GLY A 18 -17.54 -24.86 26.56
C GLY A 18 -17.26 -23.39 26.26
N VAL A 19 -15.98 -23.08 26.06
CA VAL A 19 -15.51 -21.72 25.79
C VAL A 19 -15.88 -21.21 24.40
N VAL A 20 -16.20 -22.12 23.49
CA VAL A 20 -16.59 -21.70 22.14
C VAL A 20 -17.95 -21.03 22.20
N ARG A 21 -18.15 -20.06 21.32
CA ARG A 21 -19.42 -19.34 21.25
C ARG A 21 -19.70 -18.86 19.82
N SER A 22 -20.96 -18.98 19.40
CA SER A 22 -21.38 -18.61 18.04
C SER A 22 -20.78 -17.30 17.57
N PRO A 23 -20.15 -17.29 16.38
CA PRO A 23 -19.52 -16.11 15.78
C PRO A 23 -20.56 -15.05 15.41
N PHE A 24 -21.80 -15.26 15.83
CA PHE A 24 -22.89 -14.34 15.57
C PHE A 24 -23.53 -13.84 16.86
N GLU A 25 -22.97 -14.26 18.00
CA GLU A 25 -23.48 -13.88 19.33
C GLU A 25 -22.42 -13.35 20.31
N ALA A 26 -21.14 -13.64 20.07
CA ALA A 26 -20.07 -13.19 20.98
C ALA A 26 -18.66 -13.14 20.35
N PRO A 27 -17.77 -12.24 20.87
CA PRO A 27 -16.41 -12.11 20.35
C PRO A 27 -15.62 -13.42 20.44
N GLN A 28 -14.77 -13.68 19.44
CA GLN A 28 -13.96 -14.89 19.39
C GLN A 28 -12.58 -14.75 20.01
N TYR A 29 -12.49 -13.90 21.04
CA TYR A 29 -11.23 -13.64 21.73
C TYR A 29 -10.64 -14.89 22.34
N TYR A 30 -11.47 -15.90 22.53
CA TYR A 30 -10.96 -17.14 23.09
C TYR A 30 -10.13 -17.88 22.03
N LEU A 31 -10.30 -17.49 20.76
CA LEU A 31 -9.58 -18.10 19.63
C LEU A 31 -8.16 -17.57 19.48
N ALA A 32 -7.90 -16.40 20.07
CA ALA A 32 -6.59 -15.72 20.03
C ALA A 32 -6.76 -14.32 20.66
N GLU A 33 -5.65 -13.74 21.11
CA GLU A 33 -5.64 -12.43 21.75
C GLU A 33 -6.44 -11.28 21.11
N PRO A 34 -6.90 -10.31 21.92
CA PRO A 34 -7.66 -9.14 21.46
C PRO A 34 -6.89 -8.23 20.48
N TRP A 35 -5.59 -8.07 20.72
CA TRP A 35 -4.77 -7.22 19.85
C TRP A 35 -4.66 -7.73 18.41
N GLN A 36 -4.80 -9.04 18.23
CA GLN A 36 -4.73 -9.62 16.89
C GLN A 36 -5.97 -9.19 16.12
N PHE A 37 -7.11 -9.15 16.82
CA PHE A 37 -8.37 -8.71 16.25
C PHE A 37 -8.22 -7.21 15.95
N SER A 38 -7.41 -6.54 16.77
CA SER A 38 -7.16 -5.13 16.59
C SER A 38 -6.35 -4.88 15.32
N MET A 39 -5.42 -5.78 15.02
CA MET A 39 -4.60 -5.63 13.82
C MET A 39 -5.42 -5.84 12.54
N LEU A 40 -6.41 -6.74 12.62
CA LEU A 40 -7.29 -6.99 11.49
C LEU A 40 -8.10 -5.72 11.28
N ALA A 41 -8.67 -5.19 12.36
CA ALA A 41 -9.43 -3.95 12.29
C ALA A 41 -8.58 -2.82 11.70
N ALA A 42 -7.32 -2.69 12.15
CA ALA A 42 -6.42 -1.66 11.63
C ALA A 42 -6.22 -1.95 10.16
N TYR A 43 -5.73 -3.14 9.86
CA TYR A 43 -5.48 -3.60 8.49
C TYR A 43 -6.64 -3.29 7.52
N MET A 44 -7.85 -3.68 7.91
CA MET A 44 -9.04 -3.45 7.08
C MET A 44 -9.28 -1.96 6.93
N PHE A 45 -9.01 -1.20 7.97
CA PHE A 45 -9.18 0.24 7.94
C PHE A 45 -8.24 0.87 6.90
N LEU A 46 -6.99 0.39 6.85
CA LEU A 46 -5.99 0.87 5.89
C LEU A 46 -6.33 0.45 4.47
N LEU A 47 -6.98 -0.70 4.31
CA LEU A 47 -7.37 -1.18 2.97
C LEU A 47 -8.54 -0.36 2.45
N ILE A 48 -9.43 0.00 3.36
CA ILE A 48 -10.58 0.79 3.01
C ILE A 48 -10.13 2.21 2.69
N MET A 49 -9.04 2.62 3.31
CA MET A 49 -8.50 3.96 3.08
C MET A 49 -7.77 4.04 1.74
N LEU A 50 -7.20 2.92 1.31
CA LEU A 50 -6.50 2.85 0.03
C LEU A 50 -7.43 2.46 -1.13
N GLY A 51 -8.13 1.33 -0.97
CA GLY A 51 -9.02 0.83 -1.99
C GLY A 51 -10.07 1.83 -2.43
N PHE A 52 -10.46 2.72 -1.55
CA PHE A 52 -11.46 3.70 -1.93
C PHE A 52 -10.94 4.71 -2.96
N PRO A 53 -10.03 5.64 -2.56
CA PRO A 53 -9.48 6.63 -3.47
C PRO A 53 -8.88 6.01 -4.72
N ILE A 54 -7.89 5.15 -4.54
CA ILE A 54 -7.23 4.50 -5.67
C ILE A 54 -8.23 3.98 -6.66
N ASN A 55 -9.26 3.31 -6.17
CA ASN A 55 -10.30 2.77 -7.04
C ASN A 55 -11.25 3.83 -7.53
N PHE A 56 -11.54 4.80 -6.68
CA PHE A 56 -12.42 5.90 -7.07
C PHE A 56 -11.80 6.91 -8.04
N LEU A 57 -10.49 7.16 -7.91
CA LEU A 57 -9.78 8.07 -8.79
C LEU A 57 -9.66 7.38 -10.14
N THR A 58 -9.34 6.09 -10.09
CA THR A 58 -9.21 5.29 -11.29
C THR A 58 -10.52 5.35 -12.03
N LEU A 59 -11.61 5.27 -11.28
CA LEU A 59 -12.95 5.32 -11.83
C LEU A 59 -13.29 6.72 -12.39
N TYR A 60 -13.11 7.74 -11.56
CA TYR A 60 -13.38 9.11 -11.95
C TYR A 60 -12.54 9.54 -13.16
N VAL A 61 -11.35 9.00 -13.29
CA VAL A 61 -10.52 9.39 -14.42
C VAL A 61 -11.09 8.83 -15.73
N THR A 62 -11.36 7.53 -15.80
CA THR A 62 -11.87 6.88 -17.02
C THR A 62 -13.14 7.53 -17.63
N VAL A 63 -14.06 7.94 -16.77
CA VAL A 63 -15.33 8.56 -17.16
C VAL A 63 -15.13 9.94 -17.78
N GLN A 64 -14.32 10.76 -17.10
CA GLN A 64 -14.02 12.13 -17.50
C GLN A 64 -13.27 12.23 -18.81
N HIS A 65 -12.35 11.30 -19.05
CA HIS A 65 -11.56 11.27 -20.27
C HIS A 65 -12.28 10.46 -21.34
N LYS A 66 -13.05 11.17 -22.16
CA LYS A 66 -13.89 10.62 -23.22
C LYS A 66 -13.31 9.67 -24.27
N LYS A 67 -11.99 9.67 -24.48
CA LYS A 67 -11.37 8.77 -25.46
C LYS A 67 -10.65 7.56 -24.82
N LEU A 68 -10.78 7.40 -23.51
CA LEU A 68 -10.16 6.28 -22.80
C LEU A 68 -11.18 5.14 -22.83
N ARG A 69 -11.38 4.57 -24.01
CA ARG A 69 -12.37 3.53 -24.19
C ARG A 69 -12.00 2.21 -24.89
N THR A 70 -10.76 1.76 -24.71
CA THR A 70 -10.35 0.48 -25.32
C THR A 70 -10.78 -0.67 -24.38
N PRO A 71 -10.88 -1.92 -24.89
CA PRO A 71 -11.29 -3.02 -24.01
C PRO A 71 -10.53 -2.99 -22.67
N LEU A 72 -9.22 -2.73 -22.73
CA LEU A 72 -8.41 -2.63 -21.53
C LEU A 72 -8.91 -1.49 -20.64
N ASN A 73 -9.09 -0.32 -21.23
CA ASN A 73 -9.55 0.85 -20.50
C ASN A 73 -10.92 0.57 -19.88
N TYR A 74 -11.69 -0.29 -20.55
CA TYR A 74 -13.03 -0.69 -20.13
C TYR A 74 -13.03 -1.68 -18.99
N ILE A 75 -12.38 -2.81 -19.24
CA ILE A 75 -12.26 -3.90 -18.28
C ILE A 75 -11.61 -3.43 -16.98
N LEU A 76 -10.93 -2.29 -17.03
CA LEU A 76 -10.29 -1.76 -15.84
C LEU A 76 -11.13 -0.74 -15.05
N LEU A 77 -12.24 -0.32 -15.64
CA LEU A 77 -13.16 0.60 -14.98
C LEU A 77 -14.03 -0.34 -14.16
N ASN A 78 -14.27 -1.51 -14.73
CA ASN A 78 -15.06 -2.60 -14.16
C ASN A 78 -14.48 -3.00 -12.81
N LEU A 79 -13.16 -3.10 -12.77
CA LEU A 79 -12.47 -3.48 -11.55
C LEU A 79 -12.55 -2.41 -10.47
N ALA A 80 -12.51 -1.13 -10.86
CA ALA A 80 -12.59 -0.04 -9.90
C ALA A 80 -13.95 -0.07 -9.17
N VAL A 81 -15.00 -0.42 -9.89
CA VAL A 81 -16.33 -0.49 -9.30
C VAL A 81 -16.44 -1.71 -8.38
N ALA A 82 -16.05 -2.87 -8.89
CA ALA A 82 -16.08 -4.12 -8.14
C ALA A 82 -15.26 -3.94 -6.86
N ASP A 83 -14.13 -3.23 -6.97
CA ASP A 83 -13.29 -2.95 -5.81
C ASP A 83 -14.00 -1.99 -4.85
N LEU A 84 -14.65 -0.96 -5.39
CA LEU A 84 -15.39 0.00 -4.56
C LEU A 84 -16.53 -0.76 -3.88
N PHE A 85 -17.12 -1.71 -4.58
CA PHE A 85 -18.19 -2.53 -4.02
C PHE A 85 -17.64 -3.36 -2.88
N MET A 86 -16.41 -3.83 -3.04
CA MET A 86 -15.78 -4.60 -1.99
C MET A 86 -15.59 -3.65 -0.80
N VAL A 87 -14.93 -2.53 -1.07
CA VAL A 87 -14.65 -1.51 -0.07
C VAL A 87 -15.86 -1.12 0.77
N PHE A 88 -17.02 -1.05 0.13
CA PHE A 88 -18.25 -0.66 0.82
C PHE A 88 -19.13 -1.84 1.17
N GLY A 89 -19.37 -2.71 0.19
CA GLY A 89 -20.21 -3.87 0.42
C GLY A 89 -19.67 -4.84 1.45
N GLY A 90 -18.45 -5.30 1.24
CA GLY A 90 -17.86 -6.26 2.15
C GLY A 90 -17.02 -5.65 3.25
N PHE A 91 -15.96 -4.96 2.84
CA PHE A 91 -14.98 -4.34 3.74
C PHE A 91 -15.50 -3.49 4.92
N THR A 92 -16.67 -2.88 4.75
CA THR A 92 -17.25 -2.08 5.81
C THR A 92 -17.69 -3.00 6.95
N THR A 93 -18.20 -4.17 6.55
CA THR A 93 -18.72 -5.22 7.43
C THR A 93 -17.62 -6.09 8.04
N THR A 94 -16.47 -6.12 7.38
CA THR A 94 -15.34 -6.91 7.86
C THR A 94 -14.56 -6.15 8.93
N LEU A 95 -14.54 -4.81 8.82
CA LEU A 95 -13.88 -3.95 9.80
C LEU A 95 -14.74 -3.81 11.06
N TYR A 96 -16.07 -3.75 10.90
CA TYR A 96 -16.97 -3.64 12.05
C TYR A 96 -16.88 -4.95 12.82
N THR A 97 -16.84 -6.05 12.07
CA THR A 97 -16.75 -7.40 12.63
C THR A 97 -15.47 -7.61 13.42
N SER A 98 -14.33 -7.16 12.89
CA SER A 98 -13.03 -7.30 13.56
C SER A 98 -13.01 -6.43 14.82
N LEU A 99 -13.49 -5.20 14.68
CA LEU A 99 -13.56 -4.25 15.78
C LEU A 99 -14.34 -4.80 16.95
N HIS A 100 -15.39 -5.57 16.66
CA HIS A 100 -16.23 -6.17 17.69
C HIS A 100 -15.95 -7.61 18.09
N GLY A 101 -15.07 -8.30 17.35
CA GLY A 101 -14.71 -9.68 17.65
C GLY A 101 -15.57 -10.80 17.11
N TYR A 102 -16.58 -10.46 16.31
CA TYR A 102 -17.51 -11.43 15.70
C TYR A 102 -18.46 -10.71 14.75
N PHE A 103 -19.31 -11.46 14.06
CA PHE A 103 -20.29 -10.89 13.13
C PHE A 103 -21.52 -10.36 13.86
N VAL A 104 -21.44 -9.11 14.29
CA VAL A 104 -22.54 -8.45 15.02
C VAL A 104 -23.81 -8.39 14.19
N PHE A 105 -23.71 -8.03 12.90
CA PHE A 105 -24.90 -7.96 12.03
C PHE A 105 -25.34 -9.35 11.60
N GLY A 106 -24.79 -10.36 12.28
CA GLY A 106 -25.14 -11.73 11.98
C GLY A 106 -24.86 -12.28 10.60
N PRO A 107 -25.66 -13.25 10.16
CA PRO A 107 -25.59 -13.94 8.88
C PRO A 107 -25.55 -13.06 7.63
N THR A 108 -26.28 -11.95 7.61
CA THR A 108 -26.26 -11.06 6.43
C THR A 108 -24.92 -10.32 6.44
N GLY A 109 -24.42 -10.03 7.65
CA GLY A 109 -23.13 -9.38 7.81
C GLY A 109 -22.03 -10.33 7.33
N CYS A 110 -22.34 -11.62 7.36
CA CYS A 110 -21.45 -12.66 6.90
C CYS A 110 -21.63 -12.79 5.39
N ASN A 111 -22.87 -12.59 4.95
CA ASN A 111 -23.19 -12.68 3.53
C ASN A 111 -22.61 -11.51 2.74
N LEU A 112 -22.72 -10.29 3.28
CA LEU A 112 -22.19 -9.11 2.61
C LEU A 112 -20.67 -9.12 2.55
N GLU A 113 -20.08 -9.62 3.62
CA GLU A 113 -18.62 -9.73 3.78
C GLU A 113 -18.06 -10.80 2.85
N GLY A 114 -18.74 -11.94 2.77
CA GLY A 114 -18.31 -13.04 1.92
C GLY A 114 -18.68 -12.86 0.45
N PHE A 115 -19.88 -12.31 0.23
CA PHE A 115 -20.38 -12.07 -1.13
C PHE A 115 -19.54 -11.10 -1.93
N PHE A 116 -19.36 -9.90 -1.41
CA PHE A 116 -18.56 -8.90 -2.10
C PHE A 116 -17.07 -9.18 -2.18
N ALA A 117 -16.57 -10.22 -1.51
CA ALA A 117 -15.16 -10.56 -1.58
C ALA A 117 -14.99 -11.61 -2.68
N THR A 118 -16.06 -12.38 -2.89
CA THR A 118 -16.10 -13.41 -3.92
C THR A 118 -16.41 -12.71 -5.23
N LEU A 119 -17.45 -11.88 -5.22
CA LEU A 119 -17.86 -11.13 -6.39
C LEU A 119 -16.67 -10.38 -6.96
N GLY A 120 -15.95 -9.65 -6.10
CA GLY A 120 -14.79 -8.89 -6.53
C GLY A 120 -13.65 -9.76 -7.02
N GLY A 121 -13.50 -10.93 -6.40
CA GLY A 121 -12.43 -11.83 -6.79
C GLY A 121 -12.72 -12.45 -8.15
N GLU A 122 -13.99 -12.75 -8.39
CA GLU A 122 -14.47 -13.34 -9.64
C GLU A 122 -14.65 -12.29 -10.76
N ILE A 123 -15.00 -11.05 -10.41
CA ILE A 123 -15.13 -9.99 -11.42
C ILE A 123 -13.71 -9.89 -12.00
N ALA A 124 -12.73 -10.10 -11.12
CA ALA A 124 -11.32 -10.06 -11.47
C ALA A 124 -10.92 -11.24 -12.36
N LEU A 125 -11.09 -12.46 -11.86
CA LEU A 125 -10.74 -13.68 -12.61
C LEU A 125 -11.28 -13.70 -14.05
N TRP A 126 -12.58 -13.51 -14.19
CA TRP A 126 -13.23 -13.51 -15.48
C TRP A 126 -12.75 -12.39 -16.39
N SER A 127 -12.48 -11.22 -15.81
CA SER A 127 -12.00 -10.09 -16.59
C SER A 127 -10.63 -10.46 -17.21
N LEU A 128 -9.89 -11.32 -16.50
CA LEU A 128 -8.60 -11.78 -16.99
C LEU A 128 -8.76 -12.69 -18.20
N VAL A 129 -9.94 -13.29 -18.33
CA VAL A 129 -10.25 -14.17 -19.45
C VAL A 129 -10.70 -13.31 -20.64
N VAL A 130 -11.51 -12.29 -20.40
CA VAL A 130 -11.96 -11.41 -21.47
C VAL A 130 -10.73 -10.69 -22.02
N LEU A 131 -9.76 -10.43 -21.13
CA LEU A 131 -8.52 -9.77 -21.52
C LEU A 131 -7.56 -10.76 -22.15
N ALA A 132 -7.44 -11.96 -21.57
CA ALA A 132 -6.56 -12.99 -22.13
C ALA A 132 -7.02 -13.24 -23.58
N ILE A 133 -8.32 -13.11 -23.83
CA ILE A 133 -8.90 -13.27 -25.17
C ILE A 133 -8.52 -12.04 -25.97
N GLU A 134 -8.88 -10.87 -25.44
CA GLU A 134 -8.60 -9.61 -26.08
C GLU A 134 -7.16 -9.60 -26.56
N ARG A 135 -6.25 -10.10 -25.73
CA ARG A 135 -4.85 -10.14 -26.12
C ARG A 135 -4.69 -10.97 -27.38
N TYR A 136 -5.15 -12.23 -27.33
CA TYR A 136 -5.03 -13.12 -28.48
C TYR A 136 -5.49 -12.45 -29.78
N VAL A 137 -6.76 -12.06 -29.86
CA VAL A 137 -7.36 -11.41 -31.05
C VAL A 137 -6.54 -10.24 -31.61
N VAL A 138 -5.59 -9.74 -30.82
CA VAL A 138 -4.77 -8.63 -31.28
C VAL A 138 -3.31 -9.03 -31.57
N VAL A 139 -2.71 -9.82 -30.67
CA VAL A 139 -1.31 -10.22 -30.79
C VAL A 139 -0.94 -11.45 -31.65
N CYS A 140 -1.45 -12.62 -31.31
CA CYS A 140 -1.09 -13.83 -32.05
C CYS A 140 -1.72 -14.01 -33.42
N LYS A 141 -1.78 -12.92 -34.19
CA LYS A 141 -2.32 -12.89 -35.55
C LYS A 141 -3.66 -13.61 -35.76
N PRO A 142 -4.74 -13.17 -35.07
CA PRO A 142 -6.06 -13.81 -35.21
C PRO A 142 -7.05 -13.09 -36.14
N MET A 143 -8.20 -13.72 -36.35
CA MET A 143 -9.27 -13.21 -37.21
C MET A 143 -8.77 -13.06 -38.65
N SER A 144 -9.00 -11.90 -39.26
CA SER A 144 -8.58 -11.62 -40.64
C SER A 144 -8.48 -10.12 -40.96
N ASN A 145 -9.18 -9.29 -40.19
CA ASN A 145 -9.18 -7.83 -40.39
C ASN A 145 -9.72 -7.09 -39.15
N PHE A 146 -10.39 -7.84 -38.29
CA PHE A 146 -11.03 -7.38 -37.06
C PHE A 146 -10.26 -6.51 -36.05
N ARG A 147 -11.03 -5.66 -35.36
CA ARG A 147 -10.54 -4.75 -34.34
C ARG A 147 -11.71 -4.55 -33.37
N PHE A 148 -11.40 -4.53 -32.06
CA PHE A 148 -12.42 -4.36 -31.03
C PHE A 148 -13.03 -2.96 -30.92
N GLY A 149 -14.34 -2.93 -30.66
CA GLY A 149 -15.06 -1.67 -30.49
C GLY A 149 -15.53 -1.62 -29.06
N GLU A 150 -16.15 -0.51 -28.65
CA GLU A 150 -16.64 -0.38 -27.28
C GLU A 150 -17.69 -1.45 -26.97
N ASN A 151 -18.47 -1.79 -27.99
CA ASN A 151 -19.50 -2.80 -27.88
C ASN A 151 -18.99 -4.13 -27.32
N HIS A 152 -17.89 -4.61 -27.91
CA HIS A 152 -17.25 -5.87 -27.52
C HIS A 152 -16.77 -5.81 -26.08
N ALA A 153 -16.31 -4.62 -25.69
CA ALA A 153 -15.81 -4.35 -24.35
C ALA A 153 -16.92 -4.48 -23.31
N ILE A 154 -18.13 -4.02 -23.65
CA ILE A 154 -19.25 -4.12 -22.71
C ILE A 154 -19.76 -5.55 -22.57
N MET A 155 -19.62 -6.35 -23.63
CA MET A 155 -20.07 -7.73 -23.56
C MET A 155 -19.14 -8.53 -22.65
N GLY A 156 -17.85 -8.20 -22.69
CA GLY A 156 -16.89 -8.88 -21.83
C GLY A 156 -17.18 -8.49 -20.39
N VAL A 157 -17.48 -7.21 -20.18
CA VAL A 157 -17.82 -6.68 -18.85
C VAL A 157 -19.12 -7.29 -18.35
N ALA A 158 -20.12 -7.36 -19.23
CA ALA A 158 -21.42 -7.93 -18.88
C ALA A 158 -21.24 -9.41 -18.56
N PHE A 159 -20.39 -10.06 -19.36
CA PHE A 159 -20.04 -11.47 -19.22
C PHE A 159 -19.37 -11.72 -17.86
N THR A 160 -18.32 -10.95 -17.56
CA THR A 160 -17.63 -11.11 -16.28
C THR A 160 -18.58 -11.00 -15.10
N TRP A 161 -19.59 -10.13 -15.20
CA TRP A 161 -20.56 -9.96 -14.14
C TRP A 161 -21.49 -11.14 -13.98
N VAL A 162 -21.86 -11.76 -15.10
CA VAL A 162 -22.75 -12.91 -15.06
C VAL A 162 -21.96 -14.11 -14.53
N MET A 163 -20.70 -14.20 -14.93
CA MET A 163 -19.79 -15.28 -14.51
C MET A 163 -19.33 -15.14 -13.06
N ALA A 164 -19.37 -13.92 -12.54
CA ALA A 164 -18.96 -13.67 -11.15
C ALA A 164 -20.18 -13.88 -10.26
N LEU A 165 -21.34 -13.46 -10.77
CA LEU A 165 -22.59 -13.62 -10.05
C LEU A 165 -22.97 -15.11 -10.08
N ALA A 166 -22.61 -15.80 -11.15
CA ALA A 166 -22.87 -17.23 -11.29
C ALA A 166 -22.14 -18.01 -10.16
N CYS A 167 -21.03 -17.44 -9.70
CA CYS A 167 -20.26 -18.04 -8.64
C CYS A 167 -20.67 -17.53 -7.28
N ALA A 168 -20.83 -16.22 -7.15
CA ALA A 168 -21.17 -15.64 -5.86
C ALA A 168 -22.61 -15.64 -5.40
N ALA A 169 -23.56 -15.64 -6.32
CA ALA A 169 -24.98 -15.60 -5.96
C ALA A 169 -25.58 -16.86 -5.33
N PRO A 170 -25.23 -18.06 -5.85
CA PRO A 170 -25.78 -19.31 -5.30
C PRO A 170 -25.80 -19.47 -3.77
N PRO A 171 -24.70 -19.17 -3.07
CA PRO A 171 -24.63 -19.30 -1.60
C PRO A 171 -25.66 -18.45 -0.85
N LEU A 172 -26.28 -17.51 -1.56
CA LEU A 172 -27.30 -16.62 -0.99
C LEU A 172 -28.69 -17.20 -1.26
N VAL A 173 -28.73 -18.15 -2.19
CA VAL A 173 -29.96 -18.78 -2.61
C VAL A 173 -30.19 -20.21 -2.07
N GLY A 174 -29.17 -20.83 -1.50
CA GLY A 174 -29.35 -22.17 -0.96
C GLY A 174 -28.31 -23.18 -1.39
N TRP A 175 -27.52 -22.83 -2.39
CA TRP A 175 -26.47 -23.69 -2.88
C TRP A 175 -25.22 -23.25 -2.10
N SER A 176 -24.72 -24.13 -1.23
CA SER A 176 -23.58 -23.82 -0.36
C SER A 176 -23.97 -22.60 0.49
N ARG A 177 -23.00 -21.97 1.14
CA ARG A 177 -23.31 -20.82 1.98
C ARG A 177 -22.06 -20.10 2.46
N TYR A 178 -22.25 -18.88 2.91
CA TYR A 178 -21.17 -18.08 3.44
C TYR A 178 -21.07 -18.34 4.93
N ILE A 179 -19.90 -18.84 5.33
CA ILE A 179 -19.64 -19.21 6.72
C ILE A 179 -18.38 -18.49 7.19
N PRO A 180 -18.31 -18.05 8.47
CA PRO A 180 -17.12 -17.35 8.97
C PRO A 180 -15.89 -18.25 9.00
N GLU A 181 -14.73 -17.63 8.73
CA GLU A 181 -13.47 -18.34 8.67
C GLU A 181 -12.32 -17.79 9.53
N GLY A 182 -11.42 -18.69 9.92
CA GLY A 182 -10.28 -18.27 10.71
C GLY A 182 -10.67 -17.74 12.06
N MET A 183 -10.33 -16.48 12.33
CA MET A 183 -10.65 -15.86 13.62
C MET A 183 -12.12 -15.44 13.69
N GLN A 184 -12.86 -15.88 12.66
CA GLN A 184 -14.29 -15.64 12.48
C GLN A 184 -14.72 -14.21 12.06
N CYS A 185 -13.85 -13.47 11.38
CA CYS A 185 -14.17 -12.10 10.94
C CYS A 185 -14.26 -11.90 9.43
N SER A 186 -14.01 -12.98 8.71
CA SER A 186 -14.09 -13.05 7.26
C SER A 186 -15.15 -14.13 7.01
N CYS A 187 -15.76 -14.13 5.83
CA CYS A 187 -16.78 -15.11 5.49
C CYS A 187 -16.57 -15.65 4.09
N GLY A 188 -16.64 -16.97 3.96
CA GLY A 188 -16.44 -17.58 2.66
C GLY A 188 -17.34 -18.76 2.43
N ILE A 189 -17.00 -19.53 1.40
CA ILE A 189 -17.76 -20.70 1.02
C ILE A 189 -17.55 -21.83 2.01
N ASP A 190 -18.61 -22.58 2.29
CA ASP A 190 -18.50 -23.67 3.24
C ASP A 190 -17.76 -24.87 2.68
N TYR A 191 -16.56 -25.12 3.21
CA TYR A 191 -15.69 -26.24 2.83
C TYR A 191 -15.53 -27.12 4.06
N TYR A 192 -15.91 -26.56 5.21
CA TYR A 192 -15.78 -27.18 6.52
C TYR A 192 -16.74 -28.32 6.89
N THR A 193 -18.01 -28.16 6.56
CA THR A 193 -19.05 -29.13 6.90
C THR A 193 -19.72 -29.76 5.68
N PRO A 194 -20.16 -31.04 5.80
CA PRO A 194 -20.81 -31.72 4.68
C PRO A 194 -22.14 -31.07 4.35
N HIS A 195 -22.90 -30.73 5.41
CA HIS A 195 -24.25 -30.11 5.35
C HIS A 195 -24.93 -30.51 4.05
N GLU A 196 -25.11 -31.82 3.92
CA GLU A 196 -25.70 -32.43 2.74
C GLU A 196 -26.98 -31.79 2.24
N GLU A 197 -27.61 -30.96 3.08
CA GLU A 197 -28.86 -30.31 2.70
C GLU A 197 -28.88 -28.78 2.46
N THR A 198 -27.94 -28.37 1.61
CA THR A 198 -27.68 -27.01 1.08
C THR A 198 -26.69 -27.26 -0.07
N ASN A 199 -26.40 -28.54 -0.30
CA ASN A 199 -25.49 -29.03 -1.33
C ASN A 199 -24.09 -28.44 -1.29
N ASN A 200 -23.43 -28.63 -0.16
CA ASN A 200 -22.08 -28.12 0.04
C ASN A 200 -21.02 -28.94 -0.69
N GLU A 201 -21.00 -30.24 -0.45
CA GLU A 201 -20.02 -31.12 -1.11
C GLU A 201 -20.13 -30.90 -2.65
N SER A 202 -21.30 -30.45 -3.10
CA SER A 202 -21.58 -30.19 -4.52
C SER A 202 -20.98 -28.89 -5.10
N PHE A 203 -21.40 -27.75 -4.55
CA PHE A 203 -20.95 -26.41 -4.98
C PHE A 203 -19.44 -26.21 -5.06
N VAL A 204 -18.71 -26.60 -4.02
CA VAL A 204 -17.27 -26.46 -3.98
C VAL A 204 -16.57 -27.12 -5.18
N ILE A 205 -17.12 -28.22 -5.67
CA ILE A 205 -16.55 -28.91 -6.82
C ILE A 205 -16.86 -28.05 -8.03
N TYR A 206 -18.10 -27.58 -8.10
CA TYR A 206 -18.56 -26.71 -9.18
C TYR A 206 -17.69 -25.44 -9.26
N MET A 207 -17.62 -24.69 -8.16
CA MET A 207 -16.83 -23.46 -8.11
C MET A 207 -15.36 -23.63 -8.51
N PHE A 208 -14.70 -24.65 -7.96
CA PHE A 208 -13.31 -24.89 -8.29
C PHE A 208 -13.10 -25.32 -9.73
N VAL A 209 -14.09 -25.99 -10.31
CA VAL A 209 -13.98 -26.44 -11.70
C VAL A 209 -14.30 -25.29 -12.66
N VAL A 210 -15.53 -24.80 -12.57
CA VAL A 210 -16.03 -23.71 -13.42
C VAL A 210 -15.47 -22.32 -13.12
N HIS A 211 -15.16 -22.07 -11.86
CA HIS A 211 -14.67 -20.75 -11.47
C HIS A 211 -13.23 -20.65 -10.95
N PHE A 212 -12.32 -21.41 -11.55
CA PHE A 212 -10.92 -21.39 -11.14
C PHE A 212 -10.00 -22.12 -12.14
N ILE A 213 -10.13 -23.44 -12.19
CA ILE A 213 -9.32 -24.26 -13.08
C ILE A 213 -9.54 -23.84 -14.53
N ILE A 214 -10.80 -23.85 -14.97
CA ILE A 214 -11.14 -23.50 -16.34
C ILE A 214 -10.61 -22.14 -16.78
N PRO A 215 -11.09 -21.03 -16.17
CA PRO A 215 -10.57 -19.73 -16.60
C PRO A 215 -9.04 -19.72 -16.61
N LEU A 216 -8.44 -20.41 -15.64
CA LEU A 216 -6.98 -20.50 -15.54
C LEU A 216 -6.38 -21.33 -16.63
N ILE A 217 -7.14 -22.32 -17.10
CA ILE A 217 -6.70 -23.16 -18.20
C ILE A 217 -6.65 -22.28 -19.46
N VAL A 218 -7.75 -21.58 -19.71
CA VAL A 218 -7.89 -20.68 -20.84
C VAL A 218 -6.83 -19.58 -20.79
N ILE A 219 -6.73 -18.89 -19.65
CA ILE A 219 -5.77 -17.80 -19.50
C ILE A 219 -4.33 -18.31 -19.70
N PHE A 220 -4.11 -19.56 -19.34
CA PHE A 220 -2.80 -20.15 -19.48
C PHE A 220 -2.52 -20.69 -20.86
N PHE A 221 -3.57 -21.11 -21.56
CA PHE A 221 -3.39 -21.61 -22.91
C PHE A 221 -3.28 -20.44 -23.88
N CYS A 222 -3.95 -19.34 -23.57
CA CYS A 222 -3.86 -18.14 -24.41
C CYS A 222 -2.44 -17.62 -24.27
N TYR A 223 -1.97 -17.54 -23.02
CA TYR A 223 -0.63 -17.06 -22.76
C TYR A 223 0.38 -17.98 -23.45
N GLY A 224 0.01 -19.25 -23.63
CA GLY A 224 0.88 -20.21 -24.29
C GLY A 224 0.92 -19.94 -25.78
N GLN A 225 -0.14 -19.32 -26.29
CA GLN A 225 -0.26 -18.96 -27.69
C GLN A 225 0.50 -17.66 -27.96
N LEU A 226 0.39 -16.71 -27.02
CA LEU A 226 1.07 -15.43 -27.13
C LEU A 226 2.56 -15.55 -26.83
N VAL A 227 3.13 -16.70 -27.20
CA VAL A 227 4.57 -16.96 -27.05
C VAL A 227 5.12 -17.07 -28.47
N PHE A 228 4.20 -17.15 -29.45
CA PHE A 228 4.53 -17.20 -30.87
C PHE A 228 5.22 -15.86 -31.19
N THR A 229 4.71 -14.80 -30.57
CA THR A 229 5.24 -13.44 -30.75
C THR A 229 5.85 -12.91 -29.43
N VAL A 230 5.03 -12.32 -28.57
CA VAL A 230 5.47 -11.75 -27.28
C VAL A 230 5.88 -12.86 -26.29
N LYS A 231 7.14 -13.29 -26.35
CA LYS A 231 7.67 -14.35 -25.46
C LYS A 231 7.49 -13.99 -23.97
N GLU A 232 8.39 -13.14 -23.46
CA GLU A 232 8.38 -12.69 -22.06
C GLU A 232 8.86 -11.24 -21.94
N ALA A 233 9.45 -10.74 -23.03
CA ALA A 233 10.00 -9.37 -23.09
C ALA A 233 8.98 -8.27 -23.40
N ALA A 234 9.44 -7.03 -23.24
CA ALA A 234 8.64 -5.82 -23.49
C ALA A 234 9.39 -4.57 -23.02
N ALA A 235 10.70 -4.56 -23.21
CA ALA A 235 11.55 -3.44 -22.81
C ALA A 235 11.55 -2.31 -23.85
N SER A 240 2.31 3.45 -25.38
CA SER A 240 0.98 3.96 -25.04
C SER A 240 0.29 4.59 -26.25
N ALA A 241 -0.36 3.75 -27.07
CA ALA A 241 -1.05 4.20 -28.29
C ALA A 241 -0.11 5.06 -29.17
N THR A 242 1.18 4.72 -29.12
CA THR A 242 2.24 5.42 -29.87
C THR A 242 2.68 4.66 -31.15
N THR A 243 3.19 3.43 -31.02
CA THR A 243 3.63 2.66 -32.19
C THR A 243 3.40 1.12 -32.14
N GLN A 244 4.44 0.37 -32.48
CA GLN A 244 4.41 -1.11 -32.52
C GLN A 244 4.41 -1.75 -31.13
N LYS A 245 5.19 -1.15 -30.23
CA LYS A 245 5.36 -1.60 -28.85
C LYS A 245 4.34 -1.02 -27.87
N ALA A 246 3.22 -0.56 -28.40
CA ALA A 246 2.14 -0.02 -27.58
C ALA A 246 1.33 -1.20 -27.08
N GLU A 247 1.27 -2.25 -27.90
CA GLU A 247 0.55 -3.45 -27.56
C GLU A 247 1.36 -4.36 -26.65
N LYS A 248 2.68 -4.33 -26.84
CA LYS A 248 3.60 -5.14 -26.03
C LYS A 248 3.60 -4.65 -24.59
N GLU A 249 3.29 -3.36 -24.39
CA GLU A 249 3.23 -2.76 -23.06
C GLU A 249 1.92 -3.15 -22.38
N VAL A 250 0.87 -3.35 -23.20
CA VAL A 250 -0.44 -3.76 -22.71
C VAL A 250 -0.37 -5.24 -22.40
N THR A 251 0.22 -6.01 -23.31
CA THR A 251 0.33 -7.45 -23.11
C THR A 251 1.21 -7.75 -21.90
N ARG A 252 2.38 -7.15 -21.81
CA ARG A 252 3.23 -7.40 -20.66
C ARG A 252 2.45 -7.06 -19.40
N MET A 253 1.57 -6.07 -19.49
CA MET A 253 0.78 -5.69 -18.33
C MET A 253 -0.26 -6.75 -18.01
N VAL A 254 -1.10 -7.06 -19.00
CA VAL A 254 -2.14 -8.07 -18.85
C VAL A 254 -1.56 -9.39 -18.34
N ILE A 255 -0.27 -9.60 -18.60
CA ILE A 255 0.44 -10.82 -18.19
C ILE A 255 0.97 -10.72 -16.73
N ILE A 256 0.90 -9.52 -16.15
CA ILE A 256 1.35 -9.28 -14.77
C ILE A 256 0.15 -9.38 -13.86
N MET A 257 -0.98 -8.90 -14.36
CA MET A 257 -2.22 -8.93 -13.63
C MET A 257 -2.60 -10.38 -13.30
N VAL A 258 -2.10 -11.30 -14.10
CA VAL A 258 -2.35 -12.73 -13.91
C VAL A 258 -1.45 -13.22 -12.76
N ILE A 259 -0.20 -12.75 -12.76
CA ILE A 259 0.75 -13.13 -11.73
C ILE A 259 0.30 -12.58 -10.37
N ALA A 260 -0.19 -11.35 -10.36
CA ALA A 260 -0.63 -10.75 -9.10
C ALA A 260 -1.82 -11.53 -8.60
N PHE A 261 -2.71 -11.88 -9.52
CA PHE A 261 -3.89 -12.62 -9.18
C PHE A 261 -3.53 -13.90 -8.45
N LEU A 262 -2.56 -14.62 -8.99
CA LEU A 262 -2.11 -15.88 -8.39
C LEU A 262 -1.66 -15.65 -6.97
N ILE A 263 -0.62 -14.83 -6.81
CA ILE A 263 -0.06 -14.51 -5.51
C ILE A 263 -1.16 -14.12 -4.51
N CYS A 264 -2.23 -13.51 -4.99
CA CYS A 264 -3.30 -13.06 -4.11
C CYS A 264 -4.31 -14.14 -3.73
N TRP A 265 -4.71 -14.92 -4.73
CA TRP A 265 -5.73 -15.96 -4.52
C TRP A 265 -5.27 -17.40 -4.43
N LEU A 266 -4.01 -17.67 -4.76
CA LEU A 266 -3.53 -19.05 -4.66
C LEU A 266 -3.50 -19.47 -3.21
N PRO A 267 -2.83 -18.67 -2.34
CA PRO A 267 -2.74 -18.98 -0.92
C PRO A 267 -4.12 -19.31 -0.36
N TYR A 268 -5.09 -18.42 -0.63
CA TYR A 268 -6.46 -18.64 -0.17
C TYR A 268 -7.07 -19.88 -0.79
N ALA A 269 -7.04 -19.97 -2.13
CA ALA A 269 -7.60 -21.11 -2.85
C ALA A 269 -6.94 -22.40 -2.38
N GLY A 270 -5.63 -22.32 -2.17
CA GLY A 270 -4.86 -23.46 -1.71
C GLY A 270 -5.30 -23.95 -0.34
N VAL A 271 -5.19 -23.10 0.68
CA VAL A 271 -5.60 -23.48 2.03
C VAL A 271 -7.09 -23.82 2.12
N ALA A 272 -7.90 -23.28 1.21
CA ALA A 272 -9.35 -23.53 1.16
C ALA A 272 -9.67 -24.91 0.54
N PHE A 273 -8.82 -25.37 -0.37
CA PHE A 273 -9.04 -26.68 -0.96
C PHE A 273 -8.61 -27.73 0.06
N TYR A 274 -7.56 -27.42 0.82
CA TYR A 274 -7.02 -28.31 1.85
C TYR A 274 -8.17 -28.71 2.80
N ILE A 275 -8.87 -27.70 3.30
CA ILE A 275 -9.98 -27.90 4.20
C ILE A 275 -11.06 -28.80 3.60
N PHE A 276 -11.56 -28.41 2.42
CA PHE A 276 -12.61 -29.17 1.73
C PHE A 276 -12.31 -30.66 1.69
N THR A 277 -11.01 -30.98 1.62
CA THR A 277 -10.59 -32.37 1.61
C THR A 277 -10.51 -32.87 3.05
N HIS A 278 -9.67 -32.22 3.86
CA HIS A 278 -9.49 -32.61 5.25
C HIS A 278 -10.48 -31.90 6.18
N GLN A 279 -11.78 -32.21 6.02
CA GLN A 279 -12.83 -31.61 6.87
C GLN A 279 -12.80 -32.26 8.28
N GLY A 280 -13.19 -31.51 9.31
CA GLY A 280 -13.19 -32.07 10.66
C GLY A 280 -11.80 -32.24 11.27
N SER A 281 -10.81 -31.99 10.43
CA SER A 281 -9.41 -32.05 10.80
C SER A 281 -9.07 -30.92 11.78
N ASP A 282 -7.89 -31.03 12.38
CA ASP A 282 -7.45 -30.05 13.37
C ASP A 282 -6.62 -28.91 12.81
N PHE A 283 -7.28 -27.77 12.63
CA PHE A 283 -6.62 -26.57 12.15
C PHE A 283 -6.96 -25.42 13.09
N GLY A 284 -6.19 -24.34 13.02
CA GLY A 284 -6.44 -23.23 13.91
C GLY A 284 -7.12 -22.08 13.23
N PRO A 285 -7.47 -21.04 14.00
CA PRO A 285 -8.14 -19.85 13.49
C PRO A 285 -7.19 -19.14 12.53
N ILE A 286 -5.97 -18.93 12.98
CA ILE A 286 -4.95 -18.25 12.20
C ILE A 286 -4.81 -18.81 10.79
N PHE A 287 -4.78 -20.14 10.71
CA PHE A 287 -4.65 -20.89 9.44
C PHE A 287 -5.22 -20.14 8.23
N MET A 288 -6.52 -19.92 8.25
CA MET A 288 -7.22 -19.23 7.16
C MET A 288 -7.30 -17.70 7.23
N THR A 289 -7.14 -17.11 8.42
CA THR A 289 -7.24 -15.66 8.54
C THR A 289 -6.29 -14.99 7.58
N ILE A 290 -5.05 -15.47 7.57
CA ILE A 290 -4.01 -14.90 6.73
C ILE A 290 -4.23 -14.84 5.20
N PRO A 291 -4.48 -16.00 4.54
CA PRO A 291 -4.70 -16.01 3.10
C PRO A 291 -5.94 -15.19 2.77
N ALA A 292 -6.98 -15.41 3.57
CA ALA A 292 -8.25 -14.75 3.43
C ALA A 292 -8.05 -13.24 3.43
N PHE A 293 -7.45 -12.72 4.49
CA PHE A 293 -7.22 -11.30 4.61
C PHE A 293 -6.22 -10.73 3.62
N PHE A 294 -5.12 -11.43 3.39
CA PHE A 294 -4.15 -10.96 2.41
C PHE A 294 -4.86 -10.83 1.06
N ALA A 295 -5.68 -11.82 0.74
CA ALA A 295 -6.45 -11.87 -0.50
C ALA A 295 -7.28 -10.60 -0.65
N LYS A 296 -7.66 -9.99 0.48
CA LYS A 296 -8.43 -8.75 0.46
C LYS A 296 -7.70 -7.57 -0.15
N THR A 297 -6.40 -7.73 -0.44
CA THR A 297 -5.66 -6.66 -1.07
C THR A 297 -6.10 -6.66 -2.53
N SER A 298 -6.96 -7.61 -2.88
CA SER A 298 -7.51 -7.72 -4.23
C SER A 298 -8.34 -6.48 -4.59
N ALA A 299 -8.87 -5.80 -3.57
CA ALA A 299 -9.66 -4.60 -3.81
C ALA A 299 -8.75 -3.42 -4.08
N VAL A 300 -7.44 -3.64 -4.03
CA VAL A 300 -6.48 -2.54 -4.20
C VAL A 300 -5.36 -2.61 -5.26
N TYR A 301 -4.85 -3.79 -5.59
CA TYR A 301 -3.75 -3.82 -6.51
C TYR A 301 -3.97 -3.58 -8.00
N ASN A 302 -5.12 -3.94 -8.56
CA ASN A 302 -5.32 -3.72 -10.00
C ASN A 302 -5.07 -2.30 -10.48
N PRO A 303 -5.74 -1.29 -9.87
CA PRO A 303 -5.47 0.08 -10.33
C PRO A 303 -4.03 0.52 -10.06
N VAL A 304 -3.38 -0.13 -9.10
CA VAL A 304 -1.98 0.17 -8.77
C VAL A 304 -1.09 -0.19 -9.94
N ILE A 305 -1.39 -1.32 -10.57
CA ILE A 305 -0.63 -1.79 -11.73
C ILE A 305 -0.94 -0.87 -12.94
N TYR A 306 -2.22 -0.57 -13.12
CA TYR A 306 -2.72 0.28 -14.19
C TYR A 306 -2.00 1.62 -14.24
N ILE A 307 -2.06 2.36 -13.13
CA ILE A 307 -1.44 3.68 -12.99
C ILE A 307 0.09 3.58 -12.82
N MET A 308 0.64 2.40 -13.13
CA MET A 308 2.08 2.15 -12.99
C MET A 308 2.70 1.67 -14.30
N MET A 309 1.92 0.92 -15.06
CA MET A 309 2.38 0.36 -16.32
C MET A 309 1.71 0.91 -17.58
N ASN A 310 0.69 1.76 -17.41
CA ASN A 310 -0.01 2.32 -18.57
C ASN A 310 0.30 3.79 -18.71
N LYS A 311 1.29 4.11 -19.54
CA LYS A 311 1.72 5.48 -19.76
C LYS A 311 0.59 6.44 -20.13
N GLN A 312 -0.42 5.94 -20.83
CA GLN A 312 -1.54 6.78 -21.22
C GLN A 312 -2.43 7.11 -20.02
N PHE A 313 -2.88 6.09 -19.30
CA PHE A 313 -3.73 6.33 -18.14
C PHE A 313 -3.09 7.15 -17.04
N ARG A 314 -1.81 6.91 -16.79
CA ARG A 314 -1.08 7.62 -15.75
C ARG A 314 -1.10 9.13 -15.96
N ASN A 315 -0.56 9.57 -17.08
CA ASN A 315 -0.55 10.99 -17.39
C ASN A 315 -1.97 11.52 -17.32
N CYS A 316 -2.94 10.64 -17.57
CA CYS A 316 -4.35 11.02 -17.53
C CYS A 316 -4.87 11.31 -16.13
N MET A 317 -4.40 10.58 -15.12
CA MET A 317 -4.85 10.87 -13.76
C MET A 317 -4.03 12.07 -13.25
N VAL A 318 -2.84 12.25 -13.84
CA VAL A 318 -1.96 13.36 -13.50
C VAL A 318 -2.54 14.62 -14.12
N THR A 319 -3.33 14.44 -15.18
CA THR A 319 -3.98 15.55 -15.87
C THR A 319 -5.24 15.90 -15.08
N THR A 320 -5.94 14.88 -14.61
CA THR A 320 -7.15 15.09 -13.85
C THR A 320 -6.82 15.78 -12.54
N LEU A 321 -5.83 15.23 -11.83
CA LEU A 321 -5.40 15.78 -10.54
C LEU A 321 -4.81 17.18 -10.65
N CYS A 322 -4.29 17.53 -11.83
CA CYS A 322 -3.70 18.86 -12.05
C CYS A 322 -4.65 19.83 -12.75
N CYS A 323 -5.95 19.61 -12.55
CA CYS A 323 -7.05 20.41 -13.08
C CYS A 323 -7.22 20.58 -14.60
N GLY A 324 -6.47 19.80 -15.37
CA GLY A 324 -6.56 19.88 -16.83
C GLY A 324 -5.23 20.04 -17.54
N LYS A 325 -4.24 20.62 -16.87
CA LYS A 325 -2.91 20.83 -17.46
C LYS A 325 -1.90 19.77 -16.97
N ASN A 326 -0.73 19.72 -17.60
CA ASN A 326 0.32 18.76 -17.23
C ASN A 326 1.71 19.20 -17.70
N PRO A 327 2.54 19.73 -16.78
CA PRO A 327 3.90 20.17 -17.13
C PRO A 327 4.89 19.01 -17.36
N SER A 334 3.08 9.02 -26.80
CA SER A 334 1.75 8.81 -26.24
C SER A 334 0.67 9.65 -26.95
N THR A 335 -0.29 8.97 -27.57
CA THR A 335 -1.38 9.63 -28.27
C THR A 335 -2.36 10.17 -27.23
N THR A 336 -2.66 11.47 -27.29
CA THR A 336 -3.58 12.11 -26.35
C THR A 336 -4.98 11.53 -26.44
N VAL A 337 -5.47 11.00 -25.31
CA VAL A 337 -6.80 10.39 -25.23
C VAL A 337 -7.66 10.95 -24.08
N SER A 338 -7.01 11.59 -23.11
CA SER A 338 -7.71 12.18 -21.98
C SER A 338 -8.63 13.18 -22.59
N LYS A 339 -9.89 13.23 -22.16
CA LYS A 339 -10.82 14.23 -22.72
C LYS A 339 -10.32 15.62 -22.34
N THR A 340 -9.04 15.64 -21.94
CA THR A 340 -8.26 16.82 -21.59
C THR A 340 -6.99 16.62 -22.44
N GLU A 341 -6.84 17.48 -23.46
CA GLU A 341 -5.74 17.52 -24.46
C GLU A 341 -6.28 16.99 -25.82
N THR A 342 -6.66 17.92 -26.71
CA THR A 342 -7.22 17.64 -28.03
C THR A 342 -7.95 16.29 -28.09
N SER A 343 -9.03 16.18 -27.29
CA SER A 343 -9.83 14.95 -27.20
C SER A 343 -10.76 14.71 -28.42
N GLN A 344 -10.40 15.31 -29.56
CA GLN A 344 -11.16 15.17 -30.78
C GLN A 344 -10.83 13.84 -31.48
N VAL A 345 -11.82 13.23 -32.13
CA VAL A 345 -11.65 11.95 -32.81
C VAL A 345 -10.56 11.94 -33.88
N ALA A 346 -9.98 10.76 -34.15
CA ALA A 346 -8.92 10.61 -35.15
C ALA A 346 -9.00 9.33 -36.00
N PRO A 347 -10.21 8.85 -36.26
CA PRO A 347 -10.42 7.64 -37.06
C PRO A 347 -10.18 7.85 -38.57
N ALA A 348 -10.91 7.10 -39.41
CA ALA A 348 -10.77 7.21 -40.87
C ALA A 348 -11.92 6.53 -41.68
N MET B 1 37.60 1.02 -10.38
CA MET B 1 36.82 1.59 -9.30
C MET B 1 35.52 0.83 -9.03
N ASN B 2 35.26 0.54 -7.75
CA ASN B 2 34.06 -0.19 -7.34
C ASN B 2 32.87 0.73 -7.45
N GLY B 3 33.07 1.88 -8.06
CA GLY B 3 31.98 2.82 -8.22
C GLY B 3 32.27 3.80 -9.33
N THR B 4 31.27 4.59 -9.68
CA THR B 4 31.45 5.60 -10.70
C THR B 4 31.02 6.95 -10.15
N GLU B 5 32.00 7.83 -9.95
CA GLU B 5 31.71 9.15 -9.44
C GLU B 5 31.52 10.16 -10.55
N GLY B 6 30.65 11.12 -10.26
CA GLY B 6 30.36 12.18 -11.17
C GLY B 6 30.57 13.44 -10.38
N PRO B 7 30.55 14.59 -11.06
CA PRO B 7 30.75 15.85 -10.34
C PRO B 7 29.66 16.09 -9.30
N ASN B 8 28.49 15.47 -9.51
CA ASN B 8 27.33 15.62 -8.63
C ASN B 8 26.61 14.30 -8.28
N PHE B 9 27.20 13.17 -8.66
CA PHE B 9 26.59 11.87 -8.38
C PHE B 9 27.60 10.81 -7.97
N TYR B 10 27.11 9.59 -7.74
CA TYR B 10 27.94 8.47 -7.37
C TYR B 10 27.15 7.15 -7.49
N VAL B 11 27.31 6.49 -8.63
CA VAL B 11 26.63 5.22 -8.94
C VAL B 11 27.41 3.99 -8.46
N PRO B 12 26.80 3.17 -7.57
CA PRO B 12 27.40 1.94 -7.00
C PRO B 12 27.56 0.86 -8.07
N PHE B 13 28.36 1.16 -9.08
CA PHE B 13 28.57 0.22 -10.16
C PHE B 13 29.83 0.65 -10.88
N SER B 14 30.62 -0.34 -11.28
CA SER B 14 31.87 -0.09 -12.01
C SER B 14 31.59 0.31 -13.45
N ASN B 15 32.21 1.40 -13.89
CA ASN B 15 32.04 1.85 -15.26
C ASN B 15 33.15 1.28 -16.14
N LYS B 16 33.56 0.06 -15.79
CA LYS B 16 34.61 -0.70 -16.48
C LYS B 16 33.97 -1.28 -17.74
N THR B 17 32.66 -1.43 -17.68
CA THR B 17 31.85 -1.95 -18.78
C THR B 17 31.42 -0.79 -19.69
N GLY B 18 31.75 0.44 -19.27
CA GLY B 18 31.42 1.64 -20.02
C GLY B 18 29.93 1.84 -20.24
N VAL B 19 29.12 1.29 -19.34
CA VAL B 19 27.66 1.35 -19.42
C VAL B 19 27.04 2.30 -18.41
N VAL B 20 27.81 2.65 -17.38
CA VAL B 20 27.29 3.54 -16.35
C VAL B 20 27.01 4.92 -16.92
N ARG B 21 25.76 5.34 -16.76
CA ARG B 21 25.29 6.64 -17.21
C ARG B 21 24.77 7.43 -16.00
N SER B 22 24.77 8.76 -16.09
CA SER B 22 24.31 9.64 -14.99
C SER B 22 22.86 9.42 -14.55
N PRO B 23 22.59 9.48 -13.23
CA PRO B 23 21.26 9.30 -12.64
C PRO B 23 20.37 10.50 -12.96
N PHE B 24 20.94 11.44 -13.71
CA PHE B 24 20.26 12.65 -14.10
C PHE B 24 19.94 12.75 -15.59
N GLU B 25 20.56 11.89 -16.40
CA GLU B 25 20.38 11.92 -17.86
C GLU B 25 19.81 10.67 -18.51
N ALA B 26 20.09 9.51 -17.91
CA ALA B 26 19.61 8.24 -18.46
C ALA B 26 19.24 7.27 -17.37
N PRO B 27 18.23 6.44 -17.62
CA PRO B 27 17.81 5.45 -16.61
C PRO B 27 18.94 4.54 -16.15
N GLN B 28 18.83 4.14 -14.89
CA GLN B 28 19.80 3.28 -14.24
C GLN B 28 19.38 1.81 -14.31
N TYR B 29 18.72 1.43 -15.39
CA TYR B 29 18.26 0.06 -15.57
C TYR B 29 19.40 -0.94 -15.69
N TYR B 30 20.63 -0.44 -15.79
CA TYR B 30 21.80 -1.32 -15.88
C TYR B 30 22.29 -1.71 -14.47
N LEU B 31 21.60 -1.19 -13.44
CA LEU B 31 21.92 -1.48 -12.03
C LEU B 31 21.08 -2.67 -11.58
N ALA B 32 19.79 -2.59 -11.87
CA ALA B 32 18.79 -3.61 -11.55
C ALA B 32 17.76 -3.69 -12.69
N GLU B 33 16.90 -4.71 -12.70
CA GLU B 33 15.89 -4.86 -13.77
C GLU B 33 14.78 -3.80 -13.72
N PRO B 34 14.05 -3.60 -14.84
CA PRO B 34 12.95 -2.63 -14.92
C PRO B 34 11.71 -2.97 -14.08
N TRP B 35 11.67 -4.20 -13.54
CA TRP B 35 10.54 -4.62 -12.70
C TRP B 35 10.69 -4.08 -11.28
N GLN B 36 11.94 -4.01 -10.80
CA GLN B 36 12.23 -3.52 -9.47
C GLN B 36 12.01 -2.01 -9.34
N PHE B 37 12.07 -1.31 -10.47
CA PHE B 37 11.86 0.13 -10.52
C PHE B 37 10.38 0.46 -10.50
N SER B 38 9.59 -0.30 -11.25
CA SER B 38 8.15 -0.11 -11.27
C SER B 38 7.59 -0.62 -9.96
N MET B 39 8.31 -1.55 -9.34
CA MET B 39 7.91 -2.10 -8.05
C MET B 39 8.06 -0.96 -7.00
N LEU B 40 9.16 -0.21 -7.10
CA LEU B 40 9.45 0.94 -6.21
C LEU B 40 8.41 2.05 -6.44
N ALA B 41 8.07 2.28 -7.70
CA ALA B 41 7.11 3.29 -8.11
C ALA B 41 5.68 2.95 -7.64
N ALA B 42 5.44 1.66 -7.40
CA ALA B 42 4.14 1.16 -6.93
C ALA B 42 4.06 1.40 -5.43
N TYR B 43 5.17 1.10 -4.76
CA TYR B 43 5.34 1.27 -3.31
C TYR B 43 5.10 2.74 -3.01
N MET B 44 5.75 3.60 -3.80
CA MET B 44 5.65 5.04 -3.65
C MET B 44 4.24 5.53 -3.91
N PHE B 45 3.54 4.83 -4.80
CA PHE B 45 2.16 5.19 -5.13
C PHE B 45 1.26 4.88 -3.93
N LEU B 46 1.55 3.75 -3.28
CA LEU B 46 0.81 3.33 -2.09
C LEU B 46 1.07 4.28 -0.92
N LEU B 47 2.35 4.56 -0.68
CA LEU B 47 2.75 5.47 0.41
C LEU B 47 2.05 6.81 0.24
N ILE B 48 1.83 7.18 -1.02
CA ILE B 48 1.18 8.44 -1.34
C ILE B 48 -0.31 8.39 -1.08
N MET B 49 -0.98 7.36 -1.59
CA MET B 49 -2.41 7.22 -1.39
C MET B 49 -2.88 6.82 0.03
N LEU B 50 -1.92 6.68 0.94
CA LEU B 50 -2.21 6.35 2.34
C LEU B 50 -1.67 7.51 3.20
N GLY B 51 -0.44 7.95 2.88
CA GLY B 51 0.19 9.04 3.61
C GLY B 51 -0.62 10.31 3.55
N PHE B 52 -1.34 10.49 2.44
CA PHE B 52 -2.17 11.67 2.29
C PHE B 52 -3.45 11.64 3.14
N PRO B 53 -4.33 10.65 2.90
CA PRO B 53 -5.58 10.57 3.67
C PRO B 53 -5.35 10.51 5.16
N ILE B 54 -4.42 9.65 5.57
CA ILE B 54 -4.10 9.41 6.98
C ILE B 54 -3.49 10.57 7.75
N ASN B 55 -2.60 11.32 7.11
CA ASN B 55 -1.97 12.47 7.75
C ASN B 55 -2.92 13.65 7.70
N PHE B 56 -3.61 13.81 6.58
CA PHE B 56 -4.56 14.91 6.44
C PHE B 56 -5.78 14.72 7.32
N LEU B 57 -6.24 13.48 7.45
CA LEU B 57 -7.39 13.20 8.30
C LEU B 57 -7.00 13.68 9.71
N THR B 58 -5.85 13.19 10.17
CA THR B 58 -5.27 13.54 11.47
C THR B 58 -5.25 15.06 11.63
N LEU B 59 -4.80 15.74 10.58
CA LEU B 59 -4.73 17.20 10.57
C LEU B 59 -6.14 17.79 10.68
N TYR B 60 -7.08 17.26 9.92
CA TYR B 60 -8.44 17.77 9.94
C TYR B 60 -9.19 17.52 11.23
N VAL B 61 -8.77 16.52 11.98
CA VAL B 61 -9.44 16.17 13.23
C VAL B 61 -9.01 17.06 14.40
N THR B 62 -7.70 17.13 14.70
CA THR B 62 -7.22 17.97 15.80
C THR B 62 -7.62 19.42 15.56
N VAL B 63 -7.63 19.84 14.30
CA VAL B 63 -8.04 21.19 13.95
C VAL B 63 -9.54 21.33 14.21
N GLN B 64 -10.31 20.35 13.72
CA GLN B 64 -11.76 20.34 13.87
C GLN B 64 -12.25 20.17 15.31
N HIS B 65 -11.57 19.34 16.10
CA HIS B 65 -11.99 19.12 17.47
C HIS B 65 -11.49 20.10 18.51
N LYS B 66 -12.45 20.86 19.04
CA LYS B 66 -12.25 21.90 20.04
C LYS B 66 -11.48 21.47 21.29
N LYS B 67 -11.71 20.24 21.75
CA LYS B 67 -11.06 19.72 22.95
C LYS B 67 -9.84 18.82 22.72
N LEU B 68 -9.13 19.07 21.62
CA LEU B 68 -7.94 18.31 21.24
C LEU B 68 -6.71 19.26 21.14
N ARG B 69 -6.17 19.62 22.30
CA ARG B 69 -5.03 20.54 22.37
C ARG B 69 -3.91 20.15 23.36
N THR B 70 -3.68 18.84 23.54
CA THR B 70 -2.62 18.33 24.43
C THR B 70 -1.28 18.45 23.67
N PRO B 71 -0.13 18.54 24.38
CA PRO B 71 1.14 18.65 23.64
C PRO B 71 1.25 17.53 22.62
N LEU B 72 0.77 16.36 23.00
CA LEU B 72 0.76 15.17 22.15
C LEU B 72 -0.03 15.53 20.89
N ASN B 73 -1.21 16.09 21.08
CA ASN B 73 -2.10 16.49 19.98
C ASN B 73 -1.42 17.51 19.07
N TYR B 74 -0.55 18.32 19.67
CA TYR B 74 0.20 19.32 18.94
C TYR B 74 1.32 18.69 18.13
N ILE B 75 2.12 17.89 18.82
CA ILE B 75 3.23 17.21 18.18
C ILE B 75 2.70 16.33 17.06
N LEU B 76 1.65 15.60 17.34
CA LEU B 76 1.05 14.73 16.34
C LEU B 76 0.43 15.47 15.16
N LEU B 77 0.06 16.74 15.35
CA LEU B 77 -0.49 17.52 14.24
C LEU B 77 0.72 17.86 13.38
N ASN B 78 1.80 18.26 14.06
CA ASN B 78 3.06 18.64 13.43
C ASN B 78 3.46 17.56 12.44
N LEU B 79 3.68 16.36 12.97
CA LEU B 79 4.07 15.19 12.18
C LEU B 79 3.12 15.00 10.99
N ALA B 80 1.83 15.22 11.21
CA ALA B 80 0.84 15.10 10.16
C ALA B 80 1.11 16.11 9.06
N VAL B 81 1.61 17.29 9.43
CA VAL B 81 1.91 18.34 8.45
C VAL B 81 3.26 18.12 7.80
N ALA B 82 4.21 17.54 8.54
CA ALA B 82 5.55 17.24 8.01
C ALA B 82 5.44 16.01 7.12
N ASP B 83 4.53 15.12 7.49
CA ASP B 83 4.27 13.91 6.74
C ASP B 83 3.60 14.28 5.42
N LEU B 84 2.84 15.37 5.41
CA LEU B 84 2.18 15.79 4.18
C LEU B 84 3.21 16.39 3.23
N PHE B 85 4.18 17.14 3.79
CA PHE B 85 5.27 17.71 2.99
C PHE B 85 6.09 16.58 2.40
N MET B 86 6.42 15.60 3.25
CA MET B 86 7.16 14.43 2.81
C MET B 86 6.48 13.91 1.56
N VAL B 87 5.17 13.67 1.69
CA VAL B 87 4.32 13.15 0.61
C VAL B 87 4.23 13.98 -0.68
N PHE B 88 4.00 15.29 -0.57
CA PHE B 88 3.89 16.14 -1.76
C PHE B 88 5.20 16.72 -2.23
N GLY B 89 6.03 17.14 -1.29
CA GLY B 89 7.30 17.72 -1.65
C GLY B 89 8.21 16.60 -2.11
N GLY B 90 8.33 15.57 -1.28
CA GLY B 90 9.20 14.44 -1.58
C GLY B 90 8.63 13.32 -2.43
N PHE B 91 7.75 12.50 -1.84
CA PHE B 91 7.13 11.34 -2.51
C PHE B 91 6.65 11.56 -3.96
N THR B 92 6.37 12.80 -4.29
CA THR B 92 5.93 13.16 -5.63
C THR B 92 7.05 12.87 -6.63
N THR B 93 8.26 13.36 -6.30
CA THR B 93 9.45 13.21 -7.12
C THR B 93 9.98 11.78 -7.17
N THR B 94 10.05 11.14 -6.00
CA THR B 94 10.53 9.77 -5.89
C THR B 94 9.61 8.79 -6.66
N LEU B 95 8.33 9.14 -6.79
CA LEU B 95 7.38 8.33 -7.54
C LEU B 95 7.71 8.39 -9.03
N TYR B 96 7.84 9.62 -9.54
CA TYR B 96 8.15 9.83 -10.94
C TYR B 96 9.59 9.50 -11.31
N THR B 97 10.49 9.53 -10.34
CA THR B 97 11.89 9.20 -10.59
C THR B 97 12.00 7.70 -10.93
N SER B 98 11.35 6.87 -10.11
CA SER B 98 11.35 5.40 -10.29
C SER B 98 10.69 5.05 -11.62
N LEU B 99 9.65 5.80 -11.99
CA LEU B 99 8.93 5.58 -13.23
C LEU B 99 9.80 5.86 -14.45
N HIS B 100 11.01 6.36 -14.21
CA HIS B 100 11.94 6.66 -15.29
C HIS B 100 13.27 6.02 -15.04
N GLY B 101 13.42 5.41 -13.87
CA GLY B 101 14.67 4.76 -13.52
C GLY B 101 15.83 5.71 -13.29
N TYR B 102 15.53 6.99 -13.07
CA TYR B 102 16.54 8.00 -12.81
C TYR B 102 15.87 9.34 -12.53
N PHE B 103 16.68 10.32 -12.13
CA PHE B 103 16.18 11.66 -11.84
C PHE B 103 15.91 12.52 -13.06
N VAL B 104 14.71 12.34 -13.63
CA VAL B 104 14.30 13.12 -14.80
C VAL B 104 14.11 14.58 -14.45
N PHE B 105 13.68 14.85 -13.21
CA PHE B 105 13.44 16.22 -12.76
C PHE B 105 14.76 16.97 -12.47
N GLY B 106 15.87 16.27 -12.62
CA GLY B 106 17.19 16.85 -12.40
C GLY B 106 17.55 16.93 -10.92
N PRO B 107 18.48 17.83 -10.54
CA PRO B 107 18.90 18.01 -9.15
C PRO B 107 17.82 18.70 -8.31
N THR B 108 17.03 19.57 -8.91
CA THR B 108 15.94 20.24 -8.20
C THR B 108 15.02 19.16 -7.64
N GLY B 109 14.96 18.04 -8.35
CA GLY B 109 14.14 16.91 -7.95
C GLY B 109 14.82 16.08 -6.90
N CYS B 110 16.15 15.99 -6.99
CA CYS B 110 16.95 15.23 -6.03
C CYS B 110 16.94 15.96 -4.68
N ASN B 111 16.94 17.29 -4.75
CA ASN B 111 16.92 18.14 -3.57
C ASN B 111 15.55 18.04 -2.92
N LEU B 112 14.50 18.11 -3.75
CA LEU B 112 13.13 18.01 -3.29
C LEU B 112 12.93 16.68 -2.55
N GLU B 113 13.45 15.61 -3.17
CA GLU B 113 13.38 14.26 -2.65
C GLU B 113 14.06 14.09 -1.28
N GLY B 114 15.25 14.68 -1.13
CA GLY B 114 16.01 14.57 0.12
C GLY B 114 15.63 15.53 1.23
N PHE B 115 15.40 16.80 0.88
CA PHE B 115 15.02 17.82 1.86
C PHE B 115 13.79 17.41 2.67
N PHE B 116 12.71 17.08 1.99
CA PHE B 116 11.46 16.71 2.66
C PHE B 116 11.50 15.40 3.43
N ALA B 117 12.43 14.53 3.06
CA ALA B 117 12.59 13.24 3.72
C ALA B 117 13.41 13.42 4.98
N THR B 118 14.43 14.28 4.88
CA THR B 118 15.30 14.56 6.01
C THR B 118 14.55 15.48 6.96
N LEU B 119 13.83 16.45 6.40
CA LEU B 119 13.04 17.36 7.20
C LEU B 119 12.04 16.44 7.91
N GLY B 120 11.44 15.54 7.14
CA GLY B 120 10.47 14.62 7.71
C GLY B 120 10.98 13.86 8.92
N GLY B 121 12.00 13.05 8.72
CA GLY B 121 12.56 12.28 9.82
C GLY B 121 13.08 13.12 10.96
N GLU B 122 13.70 14.25 10.63
CA GLU B 122 14.24 15.14 11.65
C GLU B 122 13.15 15.80 12.51
N ILE B 123 12.01 16.11 11.90
CA ILE B 123 10.91 16.71 12.67
C ILE B 123 10.40 15.65 13.64
N ALA B 124 10.40 14.40 13.18
CA ALA B 124 9.97 13.25 13.98
C ALA B 124 10.95 12.99 15.13
N LEU B 125 12.24 12.95 14.78
CA LEU B 125 13.32 12.76 15.74
C LEU B 125 13.25 13.89 16.77
N TRP B 126 12.96 15.11 16.30
CA TRP B 126 12.86 16.28 17.18
C TRP B 126 11.53 16.40 17.92
N SER B 127 10.45 15.89 17.33
CA SER B 127 9.15 15.93 18.01
C SER B 127 9.14 14.85 19.08
N LEU B 128 9.89 13.79 18.85
CA LEU B 128 10.00 12.70 19.81
C LEU B 128 10.77 13.22 21.01
N VAL B 129 11.54 14.28 20.77
CA VAL B 129 12.33 14.93 21.80
C VAL B 129 11.41 15.83 22.65
N VAL B 130 10.61 16.66 21.96
CA VAL B 130 9.67 17.56 22.61
C VAL B 130 8.68 16.75 23.47
N LEU B 131 8.44 15.48 23.09
CA LEU B 131 7.53 14.59 23.83
C LEU B 131 8.18 13.92 25.04
N ALA B 132 9.41 13.46 24.87
CA ALA B 132 10.15 12.78 25.93
C ALA B 132 10.25 13.61 27.21
N ILE B 133 10.56 14.90 27.06
CA ILE B 133 10.68 15.84 28.18
C ILE B 133 9.33 16.03 28.87
N GLU B 134 8.28 16.22 28.06
CA GLU B 134 6.92 16.41 28.58
C GLU B 134 6.58 15.26 29.49
N ARG B 135 7.08 14.07 29.16
CA ARG B 135 6.82 12.88 29.97
C ARG B 135 7.70 12.83 31.21
N TYR B 136 8.76 13.65 31.24
CA TYR B 136 9.65 13.72 32.38
C TYR B 136 9.08 14.82 33.28
N VAL B 137 8.12 15.56 32.74
CA VAL B 137 7.48 16.65 33.47
C VAL B 137 6.06 16.38 33.97
N VAL B 138 5.27 15.60 33.23
CA VAL B 138 3.91 15.29 33.64
C VAL B 138 3.82 13.89 34.25
N VAL B 139 4.97 13.23 34.37
CA VAL B 139 5.05 11.88 34.94
C VAL B 139 6.19 11.83 35.98
N CYS B 140 7.32 12.43 35.66
CA CYS B 140 8.47 12.50 36.57
C CYS B 140 8.39 13.82 37.34
N LYS B 141 7.35 14.59 37.00
CA LYS B 141 7.00 15.87 37.60
C LYS B 141 8.07 16.66 38.37
N PRO B 142 8.79 17.56 37.68
CA PRO B 142 9.83 18.37 38.33
C PRO B 142 9.20 19.58 39.06
N PHE B 148 2.33 24.46 29.70
CA PHE B 148 2.04 23.57 28.57
C PHE B 148 0.80 24.09 27.81
N GLY B 149 0.33 23.31 26.84
CA GLY B 149 -0.86 23.70 26.09
C GLY B 149 -0.60 24.52 24.83
N GLU B 150 -1.60 25.35 24.45
CA GLU B 150 -1.49 26.22 23.27
C GLU B 150 -0.31 27.22 23.39
N ASN B 151 0.46 27.11 24.47
CA ASN B 151 1.61 27.98 24.75
C ASN B 151 2.99 27.37 24.43
N HIS B 152 3.42 26.45 25.28
CA HIS B 152 4.72 25.78 25.17
C HIS B 152 4.82 24.71 24.06
N ALA B 153 3.68 24.09 23.74
CA ALA B 153 3.62 23.08 22.69
C ALA B 153 3.90 23.72 21.35
N ILE B 154 3.59 25.01 21.22
CA ILE B 154 3.83 25.71 19.97
C ILE B 154 5.30 26.14 19.85
N MET B 155 6.02 26.06 20.96
CA MET B 155 7.44 26.39 20.96
C MET B 155 8.22 25.12 20.65
N GLY B 156 7.71 23.99 21.14
CA GLY B 156 8.34 22.71 20.86
C GLY B 156 8.11 22.43 19.39
N VAL B 157 6.89 22.69 18.94
CA VAL B 157 6.49 22.52 17.55
C VAL B 157 7.31 23.44 16.64
N ALA B 158 7.62 24.63 17.13
CA ALA B 158 8.42 25.56 16.35
C ALA B 158 9.86 25.07 16.37
N PHE B 159 10.30 24.70 17.56
CA PHE B 159 11.65 24.21 17.79
C PHE B 159 11.98 22.98 16.94
N THR B 160 10.98 22.13 16.70
CA THR B 160 11.20 20.93 15.91
C THR B 160 11.54 21.29 14.46
N TRP B 161 10.94 22.38 13.96
CA TRP B 161 11.21 22.84 12.61
C TRP B 161 12.56 23.54 12.55
N VAL B 162 12.89 24.26 13.61
CA VAL B 162 14.15 24.99 13.71
C VAL B 162 15.29 23.98 13.66
N MET B 163 15.20 22.98 14.53
CA MET B 163 16.20 21.92 14.62
C MET B 163 16.23 21.03 13.38
N ALA B 164 15.05 20.58 12.94
CA ALA B 164 14.97 19.74 11.74
C ALA B 164 15.55 20.52 10.57
N LEU B 165 15.16 21.78 10.45
CA LEU B 165 15.66 22.63 9.37
C LEU B 165 17.16 22.84 9.42
N ALA B 166 17.74 22.79 10.61
CA ALA B 166 19.19 22.96 10.77
C ALA B 166 19.94 21.72 10.25
N CYS B 167 19.17 20.72 9.83
CA CYS B 167 19.72 19.47 9.31
C CYS B 167 19.38 19.27 7.84
N ALA B 168 18.12 19.48 7.49
CA ALA B 168 17.68 19.31 6.12
C ALA B 168 18.02 20.49 5.22
N ALA B 169 18.28 21.65 5.81
CA ALA B 169 18.59 22.85 5.03
C ALA B 169 20.02 23.10 4.47
N PRO B 170 21.08 22.76 5.25
CA PRO B 170 22.46 22.98 4.76
C PRO B 170 22.87 22.40 3.39
N PRO B 171 22.56 21.11 3.11
CA PRO B 171 22.92 20.51 1.81
C PRO B 171 22.30 21.21 0.62
N LEU B 172 21.36 22.11 0.91
CA LEU B 172 20.67 22.88 -0.10
C LEU B 172 21.43 24.16 -0.45
N VAL B 173 22.17 24.67 0.53
CA VAL B 173 22.91 25.90 0.34
C VAL B 173 24.40 25.72 0.06
N GLY B 174 25.08 24.85 0.80
CA GLY B 174 26.51 24.67 0.57
C GLY B 174 27.28 23.77 1.52
N TRP B 175 26.58 23.16 2.46
CA TRP B 175 27.23 22.27 3.42
C TRP B 175 26.63 20.88 3.13
N SER B 176 27.46 20.01 2.56
CA SER B 176 27.07 18.68 2.12
C SER B 176 26.16 18.87 0.91
N ARG B 177 25.68 17.77 0.34
CA ARG B 177 24.81 17.82 -0.84
C ARG B 177 23.88 16.61 -0.90
N TYR B 178 22.68 16.77 -1.45
CA TYR B 178 21.80 15.62 -1.56
C TYR B 178 22.28 14.92 -2.82
N ILE B 179 22.46 13.60 -2.71
CA ILE B 179 23.00 12.80 -3.82
C ILE B 179 22.27 11.46 -3.95
N PRO B 180 21.91 11.06 -5.19
CA PRO B 180 21.20 9.79 -5.40
C PRO B 180 21.84 8.56 -4.76
N GLU B 181 21.00 7.81 -4.05
CA GLU B 181 21.39 6.61 -3.33
C GLU B 181 20.82 5.33 -3.94
N GLY B 182 21.51 4.22 -3.68
CA GLY B 182 21.09 2.91 -4.16
C GLY B 182 20.89 2.82 -5.66
N MET B 183 19.68 2.46 -6.07
CA MET B 183 19.34 2.35 -7.48
C MET B 183 19.16 3.74 -8.10
N GLN B 184 19.80 4.74 -7.48
CA GLN B 184 19.77 6.14 -7.90
C GLN B 184 18.36 6.67 -8.10
N CYS B 185 17.49 6.39 -7.13
CA CYS B 185 16.08 6.79 -7.15
C CYS B 185 15.63 7.64 -5.96
N SER B 186 16.41 7.60 -4.88
CA SER B 186 16.16 8.38 -3.66
C SER B 186 17.43 9.20 -3.41
N CYS B 187 17.29 10.37 -2.76
CA CYS B 187 18.45 11.22 -2.44
C CYS B 187 18.62 11.35 -0.93
N GLY B 188 19.89 11.43 -0.51
CA GLY B 188 20.25 11.56 0.89
C GLY B 188 21.59 12.26 1.04
N ILE B 189 22.00 12.54 2.28
CA ILE B 189 23.28 13.21 2.55
C ILE B 189 24.46 12.48 1.90
N ASP B 190 25.41 13.26 1.39
CA ASP B 190 26.60 12.76 0.70
C ASP B 190 27.56 12.01 1.63
N TYR B 191 27.24 10.75 1.87
CA TYR B 191 28.05 9.90 2.73
C TYR B 191 29.19 9.36 1.87
N TYR B 192 28.91 9.24 0.58
CA TYR B 192 29.80 8.67 -0.43
C TYR B 192 31.15 9.32 -0.78
N THR B 193 31.19 10.65 -0.82
CA THR B 193 32.42 11.37 -1.19
C THR B 193 32.88 12.40 -0.14
N PRO B 194 34.19 12.74 -0.15
CA PRO B 194 34.69 13.72 0.80
C PRO B 194 34.43 15.10 0.24
N HIS B 195 34.36 15.16 -1.10
CA HIS B 195 34.14 16.38 -1.87
C HIS B 195 34.70 17.57 -1.12
N GLU B 196 36.03 17.73 -1.17
CA GLU B 196 36.70 18.83 -0.47
C GLU B 196 35.94 20.16 -0.57
N GLU B 197 35.27 20.38 -1.71
CA GLU B 197 34.51 21.60 -1.99
C GLU B 197 33.34 21.93 -1.06
N THR B 198 32.72 20.92 -0.46
CA THR B 198 31.59 21.15 0.46
C THR B 198 31.81 20.44 1.80
N ASN B 199 32.94 19.73 1.90
CA ASN B 199 33.30 18.92 3.08
C ASN B 199 32.08 18.32 3.78
N ASN B 200 31.44 17.41 3.08
CA ASN B 200 30.28 16.70 3.60
C ASN B 200 30.82 15.69 4.61
N GLU B 201 32.14 15.68 4.77
CA GLU B 201 32.83 14.80 5.69
C GLU B 201 32.65 15.39 7.09
N SER B 202 32.60 16.72 7.15
CA SER B 202 32.42 17.41 8.42
C SER B 202 30.93 17.55 8.72
N PHE B 203 30.09 17.51 7.69
CA PHE B 203 28.64 17.62 7.90
C PHE B 203 28.04 16.33 8.46
N VAL B 204 28.51 15.19 7.96
CA VAL B 204 28.05 13.89 8.42
C VAL B 204 28.47 13.69 9.88
N ILE B 205 29.66 14.18 10.23
CA ILE B 205 30.15 14.07 11.59
C ILE B 205 29.30 14.98 12.49
N TYR B 206 28.69 16.00 11.87
CA TYR B 206 27.84 16.95 12.57
C TYR B 206 26.39 16.45 12.70
N MET B 207 25.81 16.05 11.56
CA MET B 207 24.44 15.54 11.52
C MET B 207 24.29 14.31 12.40
N PHE B 208 25.29 13.43 12.37
CA PHE B 208 25.24 12.23 13.17
C PHE B 208 25.33 12.49 14.66
N VAL B 209 25.88 13.64 15.05
CA VAL B 209 25.98 13.97 16.46
C VAL B 209 24.88 14.94 16.92
N VAL B 210 24.66 16.02 16.17
CA VAL B 210 23.64 17.00 16.53
C VAL B 210 22.22 16.66 16.10
N HIS B 211 22.07 15.68 15.20
CA HIS B 211 20.75 15.32 14.72
C HIS B 211 20.45 13.86 14.75
N PHE B 212 21.22 13.13 15.55
CA PHE B 212 21.04 11.69 15.68
C PHE B 212 21.38 11.21 17.08
N ILE B 213 22.68 11.13 17.35
CA ILE B 213 23.21 10.68 18.62
C ILE B 213 22.59 11.39 19.83
N ILE B 214 22.84 12.70 19.94
CA ILE B 214 22.33 13.49 21.07
C ILE B 214 20.81 13.43 21.21
N PRO B 215 20.06 13.85 20.18
CA PRO B 215 18.59 13.83 20.27
C PRO B 215 18.06 12.51 20.82
N LEU B 216 18.82 11.43 20.58
CA LEU B 216 18.45 10.10 21.06
C LEU B 216 18.80 9.88 22.53
N ILE B 217 20.05 10.14 22.91
CA ILE B 217 20.47 9.96 24.30
C ILE B 217 19.57 10.77 25.25
N VAL B 218 19.05 11.91 24.75
CA VAL B 218 18.15 12.80 25.48
C VAL B 218 16.81 12.10 25.69
N ILE B 219 16.38 11.39 24.66
CA ILE B 219 15.13 10.64 24.67
C ILE B 219 15.32 9.39 25.54
N PHE B 220 16.59 9.04 25.80
CA PHE B 220 16.94 7.89 26.61
C PHE B 220 17.05 8.20 28.10
N PHE B 221 17.99 9.06 28.49
CA PHE B 221 18.15 9.39 29.92
C PHE B 221 16.86 9.96 30.49
N CYS B 222 16.08 10.65 29.66
CA CYS B 222 14.79 11.22 30.08
C CYS B 222 13.84 10.07 30.39
N TYR B 223 14.02 8.98 29.66
CA TYR B 223 13.21 7.78 29.81
C TYR B 223 13.80 6.89 30.90
N GLY B 224 15.12 6.90 31.02
CA GLY B 224 15.79 6.12 32.03
C GLY B 224 15.49 6.68 33.41
N GLN B 225 15.35 8.01 33.47
CA GLN B 225 15.01 8.73 34.69
C GLN B 225 13.48 8.70 34.84
N LEU B 226 12.95 7.48 34.92
CA LEU B 226 11.52 7.20 35.07
C LEU B 226 11.31 5.81 35.70
N THR B 243 -7.23 10.63 36.08
CA THR B 243 -6.36 11.35 35.14
C THR B 243 -4.90 10.98 35.41
N GLN B 244 -4.58 10.77 36.69
CA GLN B 244 -3.24 10.43 37.15
C GLN B 244 -2.85 9.02 36.67
N LYS B 245 -3.83 8.33 36.11
CA LYS B 245 -3.62 6.98 35.61
C LYS B 245 -3.74 6.94 34.08
N ALA B 246 -4.21 8.03 33.50
CA ALA B 246 -4.38 8.13 32.04
C ALA B 246 -3.07 8.45 31.33
N GLU B 247 -2.15 9.08 32.06
CA GLU B 247 -0.85 9.46 31.52
C GLU B 247 0.03 8.26 31.21
N LYS B 248 -0.38 7.08 31.66
CA LYS B 248 0.38 5.85 31.41
C LYS B 248 0.20 5.41 29.95
N GLU B 249 -0.95 5.72 29.37
CA GLU B 249 -1.23 5.36 27.98
C GLU B 249 -0.75 6.40 26.97
N VAL B 250 -0.58 7.63 27.43
CA VAL B 250 -0.06 8.66 26.55
C VAL B 250 1.44 8.40 26.51
N THR B 251 1.94 7.79 27.59
CA THR B 251 3.36 7.44 27.74
C THR B 251 3.64 6.22 26.86
N ARG B 252 2.91 5.14 27.09
CA ARG B 252 3.09 3.92 26.30
C ARG B 252 3.03 4.23 24.82
N MET B 253 2.36 5.31 24.47
CA MET B 253 2.27 5.68 23.07
C MET B 253 3.60 6.27 22.69
N VAL B 254 3.99 7.34 23.39
CA VAL B 254 5.27 8.00 23.13
C VAL B 254 6.40 6.97 23.06
N ILE B 255 6.41 6.04 24.01
CA ILE B 255 7.44 5.00 24.04
C ILE B 255 7.42 4.24 22.73
N ILE B 256 6.22 3.84 22.31
CA ILE B 256 6.05 3.12 21.06
C ILE B 256 6.49 3.96 19.86
N MET B 257 6.09 5.23 19.84
CA MET B 257 6.45 6.14 18.75
C MET B 257 7.96 6.18 18.54
N VAL B 258 8.68 6.25 19.66
CA VAL B 258 10.12 6.30 19.64
C VAL B 258 10.70 5.02 19.07
N ILE B 259 10.12 3.89 19.47
CA ILE B 259 10.60 2.59 19.00
C ILE B 259 10.40 2.37 17.49
N ALA B 260 9.25 2.82 16.97
CA ALA B 260 8.91 2.67 15.55
C ALA B 260 9.80 3.53 14.65
N PHE B 261 10.32 4.61 15.22
CA PHE B 261 11.21 5.55 14.55
C PHE B 261 12.58 4.89 14.38
N LEU B 262 13.03 4.24 15.44
CA LEU B 262 14.31 3.55 15.43
C LEU B 262 14.32 2.44 14.39
N ILE B 263 13.14 1.88 14.13
CA ILE B 263 12.97 0.81 13.16
C ILE B 263 13.04 1.31 11.72
N CYS B 264 12.65 2.56 11.49
CA CYS B 264 12.70 3.16 10.16
C CYS B 264 14.09 3.71 9.84
N TRP B 265 14.69 4.34 10.86
CA TRP B 265 15.98 4.99 10.71
C TRP B 265 17.26 4.27 11.12
N LEU B 266 17.19 3.27 11.99
CA LEU B 266 18.43 2.58 12.32
C LEU B 266 18.92 1.76 11.13
N PRO B 267 18.00 1.05 10.45
CA PRO B 267 18.45 0.27 9.29
C PRO B 267 19.10 1.24 8.30
N TYR B 268 18.51 2.42 8.15
CA TYR B 268 19.04 3.42 7.24
C TYR B 268 20.33 4.03 7.78
N ALA B 269 20.19 4.77 8.88
CA ALA B 269 21.30 5.44 9.54
C ALA B 269 22.52 4.53 9.71
N GLY B 270 22.26 3.25 9.99
CA GLY B 270 23.35 2.30 10.15
C GLY B 270 24.08 2.10 8.83
N VAL B 271 23.30 1.88 7.76
CA VAL B 271 23.84 1.68 6.42
C VAL B 271 24.53 2.94 5.94
N ALA B 272 23.92 4.08 6.29
CA ALA B 272 24.45 5.38 5.93
C ALA B 272 25.80 5.68 6.56
N PHE B 273 26.03 5.13 7.73
CA PHE B 273 27.29 5.36 8.42
C PHE B 273 28.37 4.41 7.99
N TYR B 274 27.99 3.16 7.77
CA TYR B 274 28.96 2.16 7.32
C TYR B 274 29.61 2.74 6.08
N ILE B 275 28.78 3.36 5.21
CA ILE B 275 29.28 3.96 3.98
C ILE B 275 30.17 5.18 4.21
N PHE B 276 29.76 6.08 5.08
CA PHE B 276 30.57 7.28 5.33
C PHE B 276 32.00 6.94 5.73
N THR B 277 32.15 5.97 6.62
CA THR B 277 33.48 5.55 7.05
C THR B 277 34.23 4.78 5.96
N HIS B 278 33.53 3.87 5.27
CA HIS B 278 34.12 3.07 4.19
C HIS B 278 33.81 3.65 2.80
N GLN B 279 34.12 4.93 2.60
CA GLN B 279 33.88 5.59 1.32
C GLN B 279 34.78 4.97 0.27
N GLY B 280 34.23 4.05 -0.53
CA GLY B 280 35.01 3.40 -1.58
C GLY B 280 34.83 1.90 -1.71
N SER B 281 34.14 1.31 -0.73
CA SER B 281 33.87 -0.14 -0.67
C SER B 281 33.20 -0.70 -1.94
N ASP B 282 32.93 -1.99 -1.93
CA ASP B 282 32.30 -2.64 -3.08
C ASP B 282 30.84 -3.03 -2.84
N PHE B 283 30.08 -2.09 -2.31
CA PHE B 283 28.67 -2.32 -2.03
C PHE B 283 27.87 -2.14 -3.32
N GLY B 284 26.68 -2.76 -3.38
CA GLY B 284 25.83 -2.66 -4.56
C GLY B 284 24.70 -1.65 -4.43
N PRO B 285 23.84 -1.51 -5.45
CA PRO B 285 22.73 -0.56 -5.39
C PRO B 285 21.64 -0.96 -4.39
N ILE B 286 21.26 -2.23 -4.37
CA ILE B 286 20.20 -2.71 -3.47
C ILE B 286 20.53 -2.47 -1.99
N PHE B 287 21.81 -2.53 -1.65
CA PHE B 287 22.30 -2.34 -0.28
C PHE B 287 21.62 -1.20 0.51
N MET B 288 21.67 0.02 -0.02
CA MET B 288 21.07 1.17 0.64
C MET B 288 19.61 1.45 0.25
N THR B 289 19.16 0.88 -0.88
CA THR B 289 17.80 1.07 -1.40
C THR B 289 16.72 0.57 -0.44
N ILE B 290 17.04 -0.47 0.32
CA ILE B 290 16.11 -1.06 1.25
C ILE B 290 15.89 -0.25 2.53
N PRO B 291 16.98 0.07 3.28
CA PRO B 291 16.87 0.86 4.52
C PRO B 291 16.30 2.23 4.21
N ALA B 292 16.62 2.71 3.00
CA ALA B 292 16.21 4.03 2.51
C ALA B 292 14.75 4.10 2.07
N PHE B 293 14.27 3.09 1.36
CA PHE B 293 12.87 3.10 0.93
C PHE B 293 11.95 2.62 2.05
N PHE B 294 12.49 1.77 2.92
CA PHE B 294 11.70 1.29 4.05
C PHE B 294 11.40 2.51 4.91
N ALA B 295 12.45 3.29 5.17
CA ALA B 295 12.40 4.50 5.99
C ALA B 295 11.32 5.54 5.62
N LYS B 296 10.79 5.44 4.40
CA LYS B 296 9.76 6.37 3.95
C LYS B 296 8.39 6.14 4.61
N THR B 297 8.22 5.01 5.29
CA THR B 297 6.95 4.72 5.98
C THR B 297 6.84 5.67 7.18
N SER B 298 7.93 6.38 7.46
CA SER B 298 7.99 7.34 8.55
C SER B 298 6.88 8.36 8.30
N ALA B 299 6.51 8.50 7.02
CA ALA B 299 5.47 9.43 6.61
C ALA B 299 4.07 8.92 6.90
N VAL B 300 3.95 7.62 7.14
CA VAL B 300 2.64 7.04 7.37
C VAL B 300 2.45 6.38 8.75
N TYR B 301 3.52 5.78 9.28
CA TYR B 301 3.47 5.06 10.56
C TYR B 301 3.00 5.79 11.83
N ASN B 302 3.40 7.04 12.03
CA ASN B 302 3.00 7.76 13.25
C ASN B 302 1.50 7.87 13.47
N PRO B 303 0.77 8.44 12.48
CA PRO B 303 -0.68 8.58 12.62
C PRO B 303 -1.46 7.25 12.75
N VAL B 304 -0.76 6.11 12.71
CA VAL B 304 -1.40 4.80 12.86
C VAL B 304 -1.28 4.40 14.32
N ILE B 305 -0.15 4.73 14.93
CA ILE B 305 0.07 4.42 16.34
C ILE B 305 -0.94 5.26 17.13
N TYR B 306 -1.21 6.45 16.60
CA TYR B 306 -2.13 7.41 17.19
C TYR B 306 -3.54 6.83 17.40
N ILE B 307 -4.21 6.40 16.33
CA ILE B 307 -5.55 5.82 16.42
C ILE B 307 -5.52 4.63 17.37
N MET B 308 -4.53 3.76 17.15
CA MET B 308 -4.32 2.54 17.92
C MET B 308 -4.29 2.68 19.44
N MET B 309 -3.38 3.50 19.96
CA MET B 309 -3.28 3.66 21.42
C MET B 309 -3.55 5.06 22.00
N ASN B 310 -4.76 5.54 21.74
CA ASN B 310 -5.23 6.82 22.25
C ASN B 310 -6.74 6.92 22.05
N LYS B 311 -7.46 6.37 23.03
CA LYS B 311 -8.92 6.33 23.03
C LYS B 311 -9.55 7.67 22.71
N GLN B 312 -8.88 8.75 23.10
CA GLN B 312 -9.36 10.11 22.87
C GLN B 312 -9.50 10.48 21.39
N PHE B 313 -8.42 10.26 20.63
CA PHE B 313 -8.37 10.56 19.21
C PHE B 313 -9.22 9.59 18.38
N ARG B 314 -9.05 8.29 18.67
CA ARG B 314 -9.77 7.19 18.01
C ARG B 314 -11.29 7.52 17.98
N ASN B 315 -11.83 7.96 19.12
CA ASN B 315 -13.24 8.33 19.27
C ASN B 315 -13.56 9.62 18.55
N CYS B 316 -12.69 10.60 18.70
CA CYS B 316 -12.87 11.90 18.07
C CYS B 316 -12.74 11.86 16.55
N MET B 317 -11.99 10.89 16.05
CA MET B 317 -11.82 10.72 14.62
C MET B 317 -13.12 10.12 14.10
N VAL B 318 -13.65 9.15 14.84
CA VAL B 318 -14.91 8.48 14.49
C VAL B 318 -16.05 9.51 14.43
N THR B 319 -15.99 10.51 15.30
CA THR B 319 -16.99 11.57 15.36
C THR B 319 -16.86 12.51 14.15
N THR B 320 -15.63 12.65 13.63
CA THR B 320 -15.38 13.49 12.47
C THR B 320 -15.92 12.80 11.21
N LEU B 321 -15.95 11.47 11.26
CA LEU B 321 -16.44 10.66 10.15
C LEU B 321 -17.97 10.47 10.13
N CYS B 322 -18.53 9.98 11.24
CA CYS B 322 -19.98 9.76 11.34
C CYS B 322 -20.81 11.01 11.50
N CYS B 323 -20.12 12.13 11.70
CA CYS B 323 -20.74 13.44 11.85
C CYS B 323 -21.58 13.60 13.13
N GLY B 324 -21.22 12.86 14.18
CA GLY B 324 -21.95 12.95 15.43
C GLY B 324 -22.33 11.67 16.17
N LYS B 325 -22.44 10.54 15.46
CA LYS B 325 -22.81 9.25 16.08
C LYS B 325 -21.66 8.58 16.85
N ASN B 326 -21.60 8.84 18.16
CA ASN B 326 -20.56 8.28 19.05
C ASN B 326 -20.47 6.74 19.02
#